data_9PXV
#
_entry.id   9PXV
#
_cell.length_a   1.00
_cell.length_b   1.00
_cell.length_c   1.00
_cell.angle_alpha   90.00
_cell.angle_beta   90.00
_cell.angle_gamma   90.00
#
_symmetry.space_group_name_H-M   'P 1'
#
loop_
_entity.id
_entity.type
_entity.pdbx_description
1 polymer 'Guanine nucleotide-binding protein G(i) subunit alpha-1'
2 polymer 'Guanine nucleotide-binding protein G(I)/G(S)/G(T) subunit beta-1'
3 polymer 'Guanine nucleotide-binding protein G(I)/G(S)/G(O) subunit gamma-2'
4 polymer ScFv16
5 polymer 'Soluble cytochrome b562,Mu-type opioid receptor'
6 non-polymer CHOLESTEROL
7 non-polymer Naloxone
#
loop_
_entity_poly.entity_id
_entity_poly.type
_entity_poly.pdbx_seq_one_letter_code
_entity_poly.pdbx_strand_id
1 'polypeptide(L)'
;MGCTLSAEDKAAVERSKMIDRNLREDGEKAAREVKLLLLGAGESGKSTIVKQMKIIHEAGYSEEECKQYKAVVYSNTIQS
IIAIIRAMGRLKIDFGDSARADDARQLFVLAGAAEEGFMTAELAGVIKRLWKDSGVQACFNRSREYQLNDSAAYYLNDLD
RIAQPNYIPTQQDVLRTRVKTTGIVETHFTFKDLHFKMFDVGGQRSERKKWIHCFEGVTAIIFCVALSDYDLVLAEDEEM
NRMHESMKLFDSICNNKWFTDTSIILFLNKKDLFEEKIKKSPLTICYPEYAGSNTYEEAAAYIQCQFEDLNKRKDTKEIY
THFTCATDTKNVQFVFDAVTDVIIKNNLKDCGLF
;
A
2 'polypeptide(L)'
;HHHHHHHHHHLEVLFQGPGSSGSELDQLRQEAEQLKNQIRDARKACADATLSQITNNIDPVGRIQMRTRRTLRGHLAKIY
AMHWGTDSRLLVSASQDGKLIIWDSYTTNKVHAIPLRSSWVMTCAYAPSGNYVACGGLDNICSIYNLKTREGNVRVSREL
AGHTGYLSCCRFLDDNQIVTSSGDTTCALWDIETGQQTTTFTGHTGDVMSLSLAPDTRLFVSGACDASAKLWDVREGMCR
QTFTGHESDINAICFFPNGNAFATGSDDATCRLFDLRADQELMTYSHDNIICGITSVSFSKSGRLLLAGYDDFNCNVWDA
LKADRAGVLAGHDNRVSCLGVTDDGMAVATGSWDSFLKIWN
;
B
3 'polypeptide(L)' MASNNTASIAQARKLVEQLKMEANIDRIKVSKAAADLMAYCEAHAKEDPLLTPVPASENPFREKKFFCAIL C
4 'polypeptide(L)'
;DVQLVESGGGLVQPGGSRKLSCSASGFAFSSFGMHWVRQAPEKGLEWVAYISSGSGTIYYADTVKGRFTISRDDPKNTLF
LQMTSLRSEDTAMYYCVRSIYYYGSSPFDFWGQGTTLTVSSGGGGSGGGGSGGGGSDIVMTQATSSVPVTPGESVSISCR
SSKSLLHSNGNTYLYWFLQRPGQSPQLLIYRMSNLASGVPDRFSGSGSGTAFTLTISRLEAEDVGVYYCMQHLEYPLTFG
AGTKLELKAAAHHHHHHHH
;
E
5 'polypeptide(L)'
;MKTIIALSYIFCLVFADYKDHDGDYKDHDIDYKDDDDKLHHHHHHHHHHLEVLFQGPGSGSADLEDNWETLNDNLKVIEK
ADNAAQVKDALTKMRAAALDAQKATPPKLEDKSPDSPEMKDFRHGFDILVGQIDDALKLANEGKVKEAQAAAEQLKTTRN
AYIQKYLGTGSDSSAAPTNASNCTDALAYSSCSPAPSPGSWVNLSHLDGNLSDPCGPNRTDLGGRDSLCPPTGSPSMITA
ITIMALYSIVCVVGLFGNFLVMYVIVRYTKMKTATNIYIFNLALADALATSTLPFQSVNYLMGTWPFGTILCKIVISIDY
YNMFTSIFTLCTMSVDRYIAVCHPVKALDFRTPRNAKIINVCNWILSSAIGLPVMFMATTKYRQGSIDCTLTFSHPTWYW
ENLLKICVFIFAFIMPVLIITVCYGLMILRLKSVRMLSGSKEKDRNLRRITRMVLVVVAVFIVCWTPIHIYVIIKALVTI
PETTFQTVSWHFCIALGYTNSCLNPVLYAFLDENFKRCFREFCIPTSSNIEQQNSTRIRQNTRDHPSTANTVDRTNHQLE
NLEAETAPLPAAALEVLFQGPGSWSHPQFEKGGGSGGGSGGSSAWSHPQFEKHHHHHHHHHH
;
R
#
loop_
_chem_comp.id
_chem_comp.type
_chem_comp.name
_chem_comp.formula
A1APV non-polymer Naloxone 'C19 H21 N O4'
CLR non-polymer CHOLESTEROL 'C27 H46 O'
#
# COMPACT_ATOMS: atom_id res chain seq x y z
N THR A 4 -11.87 -25.39 6.30
CA THR A 4 -10.44 -25.63 6.39
C THR A 4 -9.79 -24.60 7.31
N LEU A 5 -10.62 -23.75 7.90
CA LEU A 5 -10.17 -22.72 8.84
C LEU A 5 -10.79 -22.98 10.21
N SER A 6 -10.00 -22.79 11.26
CA SER A 6 -10.54 -22.85 12.61
C SER A 6 -11.25 -21.55 12.94
N ALA A 7 -11.88 -21.50 14.11
CA ALA A 7 -12.57 -20.28 14.53
C ALA A 7 -11.57 -19.15 14.81
N GLU A 8 -10.42 -19.50 15.36
CA GLU A 8 -9.39 -18.50 15.59
C GLU A 8 -8.80 -17.98 14.28
N ASP A 9 -8.62 -18.85 13.29
CA ASP A 9 -8.18 -18.39 11.98
C ASP A 9 -9.24 -17.54 11.30
N LYS A 10 -10.52 -17.88 11.47
CA LYS A 10 -11.58 -17.08 10.91
C LYS A 10 -11.62 -15.69 11.54
N ALA A 11 -11.41 -15.62 12.86
CA ALA A 11 -11.38 -14.32 13.52
C ALA A 11 -10.13 -13.54 13.15
N ALA A 12 -9.01 -14.22 12.90
CA ALA A 12 -7.82 -13.55 12.40
C ALA A 12 -8.05 -12.97 11.01
N VAL A 13 -8.73 -13.71 10.15
CA VAL A 13 -9.06 -13.24 8.80
C VAL A 13 -10.02 -12.05 8.87
N GLU A 14 -11.00 -12.13 9.77
CA GLU A 14 -11.94 -11.02 9.95
C GLU A 14 -11.25 -9.78 10.50
N ARG A 15 -10.29 -9.96 11.41
CA ARG A 15 -9.49 -8.85 11.92
C ARG A 15 -8.65 -8.23 10.82
N SER A 16 -8.05 -9.05 9.96
CA SER A 16 -7.30 -8.52 8.83
C SER A 16 -8.19 -7.79 7.85
N LYS A 17 -9.43 -8.24 7.68
CA LYS A 17 -10.39 -7.53 6.82
C LYS A 17 -10.78 -6.19 7.41
N MET A 18 -10.97 -6.13 8.74
CA MET A 18 -11.27 -4.86 9.39
C MET A 18 -10.10 -3.90 9.27
N ILE A 19 -8.87 -4.42 9.40
CA ILE A 19 -7.69 -3.58 9.24
C ILE A 19 -7.56 -3.12 7.78
N ASP A 20 -7.94 -3.97 6.83
CA ASP A 20 -7.97 -3.57 5.42
C ASP A 20 -8.94 -2.42 5.19
N ARG A 21 -10.13 -2.50 5.80
CA ARG A 21 -11.12 -1.43 5.66
C ARG A 21 -10.60 -0.13 6.27
N ASN A 22 -9.99 -0.20 7.45
CA ASN A 22 -9.45 1.01 8.08
C ASN A 22 -8.30 1.60 7.27
N LEU A 23 -7.42 0.76 6.72
CA LEU A 23 -6.32 1.27 5.91
C LEU A 23 -6.79 1.86 4.60
N ARG A 24 -7.82 1.27 4.00
CA ARG A 24 -8.41 1.82 2.78
C ARG A 24 -9.04 3.18 3.06
N GLU A 25 -9.74 3.32 4.19
CA GLU A 25 -10.31 4.60 4.57
C GLU A 25 -9.23 5.65 4.81
N ASP A 26 -8.15 5.27 5.50
CA ASP A 26 -7.05 6.21 5.76
C ASP A 26 -6.34 6.62 4.48
N GLY A 27 -6.10 5.67 3.57
CA GLY A 27 -5.45 6.01 2.31
C GLY A 27 -6.33 6.87 1.41
N GLU A 28 -7.64 6.62 1.40
CA GLU A 28 -8.55 7.46 0.64
C GLU A 28 -8.64 8.87 1.22
N LYS A 29 -8.55 8.99 2.55
CA LYS A 29 -8.49 10.32 3.16
C LYS A 29 -7.18 11.03 2.82
N ALA A 30 -6.05 10.29 2.81
CA ALA A 30 -4.76 10.91 2.57
C ALA A 30 -4.53 11.25 1.11
N ALA A 31 -5.18 10.55 0.17
CA ALA A 31 -5.00 10.85 -1.24
C ALA A 31 -5.65 12.17 -1.66
N ARG A 32 -6.54 12.71 -0.82
CA ARG A 32 -7.13 14.02 -1.07
C ARG A 32 -6.21 15.16 -0.63
N GLU A 33 -5.14 14.86 0.09
CA GLU A 33 -4.21 15.88 0.55
C GLU A 33 -3.32 16.37 -0.59
N VAL A 34 -2.86 17.61 -0.46
CA VAL A 34 -1.96 18.25 -1.41
C VAL A 34 -0.60 18.36 -0.74
N LYS A 35 0.43 17.82 -1.40
CA LYS A 35 1.77 17.75 -0.82
C LYS A 35 2.66 18.81 -1.46
N LEU A 36 3.04 19.81 -0.67
CA LEU A 36 3.88 20.90 -1.12
C LEU A 36 5.24 20.80 -0.45
N LEU A 37 6.29 20.80 -1.26
CA LEU A 37 7.66 20.68 -0.77
C LEU A 37 8.28 22.07 -0.73
N LEU A 38 8.75 22.46 0.45
CA LEU A 38 9.35 23.78 0.66
C LEU A 38 10.85 23.69 0.44
N LEU A 39 11.37 24.62 -0.36
CA LEU A 39 12.79 24.67 -0.65
C LEU A 39 13.24 26.13 -0.67
N GLY A 40 14.53 26.32 -0.45
CA GLY A 40 15.12 27.63 -0.35
C GLY A 40 15.75 27.88 1.01
N ALA A 41 16.48 29.00 1.08
CA ALA A 41 17.18 29.35 2.31
C ALA A 41 16.19 29.77 3.40
N GLY A 42 16.60 29.58 4.65
CA GLY A 42 15.73 29.88 5.77
C GLY A 42 15.53 31.37 6.01
N GLU A 43 16.47 32.21 5.58
CA GLU A 43 16.36 33.65 5.71
C GLU A 43 15.66 34.28 4.51
N SER A 44 14.87 33.50 3.78
CA SER A 44 14.18 33.96 2.57
C SER A 44 12.68 34.12 2.83
N GLY A 45 12.32 34.64 3.99
CA GLY A 45 10.92 34.89 4.29
C GLY A 45 10.10 33.64 4.54
N LYS A 46 10.75 32.54 4.91
CA LYS A 46 10.03 31.29 5.18
C LYS A 46 9.13 31.44 6.40
N SER A 47 9.59 32.14 7.43
CA SER A 47 8.74 32.41 8.59
C SER A 47 7.54 33.24 8.20
N THR A 48 7.75 34.24 7.34
CA THR A 48 6.65 35.09 6.88
C THR A 48 5.63 34.29 6.08
N ILE A 49 6.09 33.41 5.19
CA ILE A 49 5.12 32.67 4.38
C ILE A 49 4.40 31.60 5.22
N VAL A 50 5.07 30.99 6.20
CA VAL A 50 4.35 29.99 7.01
C VAL A 50 3.36 30.68 7.94
N LYS A 51 3.69 31.87 8.46
CA LYS A 51 2.72 32.54 9.32
C LYS A 51 1.56 33.12 8.50
N GLN A 52 1.82 33.52 7.25
CA GLN A 52 0.73 34.00 6.40
C GLN A 52 -0.15 32.84 5.94
N MET A 53 0.43 31.65 5.74
CA MET A 53 -0.38 30.51 5.33
C MET A 53 -1.17 29.92 6.50
N LYS A 54 -0.63 29.98 7.72
CA LYS A 54 -1.40 29.52 8.87
C LYS A 54 -2.48 30.53 9.25
N ILE A 55 -2.14 31.82 9.23
CA ILE A 55 -3.11 32.85 9.61
C ILE A 55 -3.77 33.44 8.36
N THR A 182 15.05 20.06 14.38
CA THR A 182 15.58 18.96 13.57
C THR A 182 14.46 18.22 12.86
N GLY A 183 14.73 17.77 11.64
CA GLY A 183 13.76 17.01 10.88
C GLY A 183 12.92 17.87 9.96
N ILE A 184 11.62 17.59 9.90
CA ILE A 184 10.71 18.32 9.04
C ILE A 184 9.57 18.86 9.88
N VAL A 185 9.38 20.17 9.83
CA VAL A 185 8.19 20.78 10.42
C VAL A 185 7.05 20.66 9.41
N GLU A 186 5.87 20.30 9.91
CA GLU A 186 4.71 20.04 9.08
C GLU A 186 3.70 21.16 9.29
N THR A 187 3.15 21.68 8.19
CA THR A 187 2.14 22.73 8.25
C THR A 187 0.90 22.26 7.50
N HIS A 188 -0.16 21.97 8.23
CA HIS A 188 -1.44 21.60 7.65
C HIS A 188 -2.38 22.79 7.75
N PHE A 189 -2.71 23.37 6.60
CA PHE A 189 -3.65 24.48 6.54
C PHE A 189 -4.68 24.21 5.46
N THR A 190 -5.90 24.70 5.69
CA THR A 190 -7.00 24.52 4.76
C THR A 190 -7.40 25.87 4.17
N PHE A 191 -7.79 25.84 2.90
CA PHE A 191 -8.16 27.07 2.19
C PHE A 191 -9.13 26.68 1.07
N LYS A 192 -10.41 26.99 1.28
CA LYS A 192 -11.48 26.74 0.31
C LYS A 192 -11.56 25.26 -0.07
N ASP A 193 -11.85 24.44 0.95
CA ASP A 193 -12.15 23.01 0.81
C ASP A 193 -11.00 22.21 0.22
N LEU A 194 -9.76 22.67 0.42
CA LEU A 194 -8.59 21.96 -0.08
C LEU A 194 -7.58 21.85 1.05
N HIS A 195 -7.07 20.64 1.27
CA HIS A 195 -6.17 20.35 2.37
C HIS A 195 -4.73 20.39 1.89
N PHE A 196 -3.86 21.06 2.64
CA PHE A 196 -2.48 21.29 2.26
C PHE A 196 -1.54 20.72 3.31
N LYS A 197 -0.34 20.35 2.85
CA LYS A 197 0.73 19.89 3.71
C LYS A 197 2.03 20.51 3.22
N MET A 198 2.82 21.05 4.14
CA MET A 198 4.10 21.65 3.81
C MET A 198 5.21 20.87 4.49
N PHE A 199 6.23 20.47 3.74
CA PHE A 199 7.35 19.71 4.27
C PHE A 199 8.61 20.58 4.15
N ASP A 200 8.82 21.45 5.13
CA ASP A 200 10.03 22.25 5.17
C ASP A 200 11.21 21.38 5.56
N VAL A 201 12.30 21.49 4.80
CA VAL A 201 13.45 20.63 5.00
C VAL A 201 14.70 21.47 5.31
N GLY A 202 14.50 22.60 5.99
CA GLY A 202 15.62 23.44 6.35
C GLY A 202 16.53 22.82 7.40
N GLY A 203 15.97 21.96 8.26
CA GLY A 203 16.77 21.28 9.26
C GLY A 203 17.45 20.02 8.80
N GLN A 204 17.17 19.57 7.58
CA GLN A 204 17.76 18.35 7.03
C GLN A 204 19.06 18.73 6.33
N ARG A 205 20.11 18.93 7.13
CA ARG A 205 21.41 19.34 6.61
C ARG A 205 22.25 18.10 6.26
N SER A 206 21.74 17.34 5.29
CA SER A 206 22.42 16.15 4.81
C SER A 206 22.43 16.13 3.29
N GLU A 207 22.87 15.00 2.71
CA GLU A 207 22.90 14.88 1.26
C GLU A 207 21.48 14.70 0.73
N ARG A 208 21.04 15.65 -0.09
CA ARG A 208 19.66 15.63 -0.59
C ARG A 208 19.44 14.55 -1.65
N LYS A 209 20.51 14.03 -2.23
CA LYS A 209 20.38 13.04 -3.30
C LYS A 209 19.77 11.74 -2.80
N LYS A 210 20.01 11.38 -1.54
CA LYS A 210 19.57 10.10 -1.01
C LYS A 210 18.22 10.17 -0.31
N TRP A 211 17.59 11.34 -0.21
CA TRP A 211 16.24 11.41 0.33
C TRP A 211 15.28 12.28 -0.46
N ILE A 212 15.71 12.89 -1.57
CA ILE A 212 14.80 13.70 -2.37
C ILE A 212 13.83 12.86 -3.19
N HIS A 213 14.04 11.55 -3.30
CA HIS A 213 13.10 10.72 -4.04
C HIS A 213 11.88 10.34 -3.23
N CYS A 214 11.76 10.81 -1.99
CA CYS A 214 10.58 10.57 -1.19
C CYS A 214 9.46 11.56 -1.51
N PHE A 215 9.68 12.49 -2.43
CA PHE A 215 8.69 13.51 -2.74
C PHE A 215 8.24 13.43 -4.19
N GLU A 216 7.93 12.22 -4.67
CA GLU A 216 7.44 12.06 -6.03
C GLU A 216 6.05 12.68 -6.19
N GLY A 217 5.14 12.33 -5.29
CA GLY A 217 3.77 12.77 -5.41
C GLY A 217 3.52 14.13 -4.77
N VAL A 218 4.24 15.14 -5.25
CA VAL A 218 4.06 16.50 -4.77
C VAL A 218 3.24 17.27 -5.81
N THR A 219 2.21 17.97 -5.35
CA THR A 219 1.43 18.82 -6.24
C THR A 219 2.28 19.97 -6.78
N ALA A 220 3.10 20.58 -5.92
CA ALA A 220 3.93 21.71 -6.30
C ALA A 220 5.13 21.77 -5.38
N ILE A 221 6.11 22.59 -5.77
CA ILE A 221 7.27 22.87 -4.96
C ILE A 221 7.31 24.37 -4.72
N ILE A 222 7.06 24.79 -3.48
CA ILE A 222 7.17 26.20 -3.11
C ILE A 222 8.65 26.52 -2.96
N PHE A 223 9.16 27.39 -3.81
CA PHE A 223 10.59 27.71 -3.88
C PHE A 223 10.78 29.18 -3.57
N CYS A 224 11.12 29.50 -2.33
CA CYS A 224 11.28 30.88 -1.90
C CYS A 224 12.71 31.33 -2.13
N VAL A 225 12.86 32.41 -2.91
CA VAL A 225 14.17 32.97 -3.24
C VAL A 225 14.12 34.47 -2.96
N ALA A 226 15.07 34.95 -2.17
CA ALA A 226 15.13 36.37 -1.84
C ALA A 226 15.50 37.19 -3.06
N LEU A 227 15.00 38.42 -3.10
CA LEU A 227 15.42 39.37 -4.13
C LEU A 227 16.52 40.28 -3.64
N SER A 228 16.57 40.55 -2.34
CA SER A 228 17.56 41.45 -1.76
C SER A 228 18.85 40.73 -1.40
N ASP A 229 19.12 39.58 -2.02
CA ASP A 229 20.36 38.84 -1.80
C ASP A 229 21.29 38.91 -3.00
N TYR A 230 20.97 39.74 -4.00
CA TYR A 230 21.81 39.85 -5.20
C TYR A 230 23.16 40.49 -4.88
N ASP A 231 23.19 41.41 -3.92
CA ASP A 231 24.41 42.12 -3.55
C ASP A 231 24.95 41.69 -2.19
N LEU A 232 24.24 40.84 -1.47
CA LEU A 232 24.72 40.34 -0.18
C LEU A 232 25.56 39.09 -0.40
N VAL A 233 26.78 39.12 0.10
CA VAL A 233 27.69 37.99 -0.07
C VAL A 233 27.31 36.88 0.91
N LEU A 234 27.36 35.64 0.44
CA LEU A 234 27.09 34.50 1.29
C LEU A 234 28.20 34.31 2.32
N ALA A 235 27.81 33.81 3.49
CA ALA A 235 28.76 33.60 4.57
C ALA A 235 29.74 32.47 4.28
N GLU A 236 29.36 31.51 3.45
CA GLU A 236 30.23 30.40 3.09
C GLU A 236 31.29 30.88 2.10
N ASP A 237 32.55 30.90 2.53
CA ASP A 237 33.77 31.21 1.79
C ASP A 237 33.89 32.68 1.39
N GLU A 238 32.86 33.50 1.63
CA GLU A 238 32.88 34.96 1.40
C GLU A 238 33.23 35.33 -0.05
N GLU A 239 32.86 34.47 -1.00
CA GLU A 239 33.19 34.71 -2.40
C GLU A 239 31.98 34.53 -3.31
N MET A 240 31.04 33.69 -2.90
CA MET A 240 29.87 33.38 -3.69
C MET A 240 28.67 34.22 -3.24
N ASN A 241 27.75 34.46 -4.16
CA ASN A 241 26.58 35.27 -3.88
C ASN A 241 25.35 34.39 -3.62
N ARG A 242 24.48 34.89 -2.73
CA ARG A 242 23.29 34.14 -2.34
C ARG A 242 22.32 33.98 -3.49
N MET A 243 22.21 35.00 -4.36
CA MET A 243 21.31 34.90 -5.51
C MET A 243 21.76 33.82 -6.48
N HIS A 244 23.07 33.72 -6.73
CA HIS A 244 23.56 32.69 -7.63
C HIS A 244 23.54 31.31 -6.99
N GLU A 245 23.69 31.24 -5.66
CA GLU A 245 23.50 29.96 -4.98
C GLU A 245 22.04 29.51 -5.05
N SER A 246 21.09 30.45 -4.94
CA SER A 246 19.69 30.12 -5.14
C SER A 246 19.42 29.70 -6.59
N MET A 247 20.12 30.31 -7.53
CA MET A 247 20.01 29.91 -8.94
C MET A 247 20.52 28.48 -9.14
N LYS A 248 21.64 28.13 -8.50
CA LYS A 248 22.14 26.76 -8.57
C LYS A 248 21.21 25.78 -7.87
N LEU A 249 20.59 26.18 -6.76
CA LEU A 249 19.60 25.35 -6.10
C LEU A 249 18.40 25.10 -7.02
N PHE A 250 17.94 26.15 -7.72
CA PHE A 250 16.86 26.00 -8.67
C PHE A 250 17.24 25.10 -9.83
N ASP A 251 18.50 25.16 -10.25
CA ASP A 251 19.00 24.26 -11.28
C ASP A 251 18.93 22.80 -10.80
N SER A 252 19.38 22.55 -9.58
CA SER A 252 19.37 21.19 -9.05
C SER A 252 17.95 20.70 -8.79
N ILE A 253 17.02 21.60 -8.54
CA ILE A 253 15.64 21.19 -8.25
C ILE A 253 14.85 21.00 -9.55
N CYS A 254 15.08 21.83 -10.56
CA CYS A 254 14.39 21.65 -11.83
C CYS A 254 14.94 20.47 -12.60
N ASN A 255 16.26 20.30 -12.63
CA ASN A 255 16.90 19.37 -13.54
C ASN A 255 17.12 17.98 -12.94
N ASN A 256 16.67 17.73 -11.72
CA ASN A 256 16.79 16.39 -11.20
C ASN A 256 15.66 15.52 -11.75
N LYS A 257 15.86 14.20 -11.67
CA LYS A 257 14.94 13.27 -12.33
C LYS A 257 13.59 13.20 -11.64
N TRP A 258 13.56 13.40 -10.32
CA TRP A 258 12.32 13.22 -9.56
C TRP A 258 11.34 14.37 -9.70
N PHE A 259 11.77 15.49 -10.28
CA PHE A 259 10.91 16.65 -10.50
C PHE A 259 11.01 17.04 -11.97
N THR A 260 10.18 16.41 -12.80
CA THR A 260 10.18 16.63 -14.24
C THR A 260 8.87 17.19 -14.74
N ASP A 261 7.74 16.63 -14.30
CA ASP A 261 6.42 17.09 -14.73
C ASP A 261 5.65 17.78 -13.62
N THR A 262 6.32 18.18 -12.53
CA THR A 262 5.66 18.87 -11.43
C THR A 262 5.97 20.36 -11.49
N SER A 263 4.97 21.18 -11.16
CA SER A 263 5.13 22.62 -11.22
C SER A 263 5.95 23.11 -10.05
N ILE A 264 6.43 24.34 -10.16
CA ILE A 264 7.19 25.00 -9.10
C ILE A 264 6.60 26.38 -8.88
N ILE A 265 6.11 26.63 -7.68
CA ILE A 265 5.58 27.94 -7.30
C ILE A 265 6.79 28.76 -6.83
N LEU A 266 7.38 29.51 -7.76
CA LEU A 266 8.49 30.37 -7.40
C LEU A 266 7.99 31.60 -6.65
N PHE A 267 8.62 31.89 -5.53
CA PHE A 267 8.33 33.10 -4.76
C PHE A 267 9.56 33.98 -4.74
N LEU A 268 9.35 35.27 -4.86
CA LEU A 268 10.42 36.26 -4.79
C LEU A 268 10.18 37.13 -3.57
N ASN A 269 11.22 37.32 -2.75
CA ASN A 269 11.06 37.76 -1.38
C ASN A 269 11.66 39.14 -1.15
N LYS A 270 11.10 39.83 -0.15
CA LYS A 270 11.58 41.12 0.36
C LYS A 270 11.58 42.19 -0.73
N LYS A 271 10.37 42.51 -1.19
CA LYS A 271 10.23 43.46 -2.30
C LYS A 271 10.58 44.89 -1.86
N ASP A 272 10.20 45.29 -0.64
CA ASP A 272 10.50 46.65 -0.20
C ASP A 272 11.98 46.80 0.13
N LEU A 273 12.59 45.77 0.72
CA LEU A 273 14.02 45.78 0.96
C LEU A 273 14.78 45.80 -0.36
N PHE A 274 14.27 45.08 -1.37
CA PHE A 274 14.86 45.10 -2.70
C PHE A 274 14.76 46.49 -3.33
N GLU A 275 13.61 47.16 -3.13
CA GLU A 275 13.43 48.53 -3.62
C GLU A 275 14.44 49.47 -2.99
N GLU A 276 14.60 49.37 -1.66
CA GLU A 276 15.57 50.23 -0.96
C GLU A 276 17.00 49.91 -1.40
N LYS A 277 17.31 48.64 -1.61
CA LYS A 277 18.67 48.26 -2.00
C LYS A 277 18.99 48.66 -3.43
N ILE A 278 18.00 48.64 -4.33
CA ILE A 278 18.28 49.10 -5.70
C ILE A 278 18.25 50.62 -5.78
N LYS A 279 17.58 51.30 -4.85
CA LYS A 279 17.79 52.74 -4.74
C LYS A 279 19.20 53.06 -4.26
N LYS A 280 19.71 52.29 -3.30
CA LYS A 280 21.03 52.55 -2.75
C LYS A 280 22.14 52.20 -3.74
N SER A 281 22.09 51.01 -4.33
CA SER A 281 23.14 50.51 -5.21
C SER A 281 22.51 49.82 -6.42
N PRO A 282 23.10 49.97 -7.60
CA PRO A 282 22.52 49.36 -8.80
C PRO A 282 22.70 47.85 -8.82
N LEU A 283 21.92 47.21 -9.70
CA LEU A 283 21.94 45.77 -9.88
C LEU A 283 23.20 45.28 -10.59
N THR A 284 24.00 46.20 -11.15
CA THR A 284 25.23 45.81 -11.84
C THR A 284 26.29 45.26 -10.90
N ILE A 285 26.15 45.48 -9.59
CA ILE A 285 27.09 44.89 -8.64
C ILE A 285 26.83 43.40 -8.45
N CYS A 286 25.66 42.91 -8.86
CA CYS A 286 25.43 41.46 -8.93
C CYS A 286 26.07 40.90 -10.19
N TYR A 287 25.63 41.36 -11.36
CA TYR A 287 26.31 41.07 -12.62
C TYR A 287 25.94 42.17 -13.60
N PRO A 288 26.90 42.68 -14.38
CA PRO A 288 26.62 43.79 -15.29
C PRO A 288 25.92 43.40 -16.58
N GLU A 289 25.42 42.16 -16.70
CA GLU A 289 24.72 41.73 -17.89
C GLU A 289 23.34 42.36 -18.04
N TYR A 290 22.81 42.97 -16.98
CA TYR A 290 21.52 43.64 -17.03
C TYR A 290 21.68 44.95 -17.81
N ALA A 291 21.14 44.99 -19.02
CA ALA A 291 21.26 46.18 -19.86
C ALA A 291 20.25 47.27 -19.49
N GLY A 292 19.22 46.94 -18.70
CA GLY A 292 18.17 47.89 -18.41
C GLY A 292 18.53 48.87 -17.30
N SER A 293 17.69 49.90 -17.18
CA SER A 293 17.88 50.91 -16.17
C SER A 293 17.45 50.41 -14.80
N ASN A 294 17.89 51.10 -13.75
CA ASN A 294 17.68 50.66 -12.37
C ASN A 294 16.33 51.17 -11.87
N THR A 295 15.28 50.48 -12.29
CA THR A 295 13.96 50.65 -11.75
C THR A 295 13.39 49.29 -11.39
N TYR A 296 12.48 49.27 -10.40
CA TYR A 296 12.09 48.01 -9.77
C TYR A 296 11.34 47.10 -10.72
N GLU A 297 10.45 47.65 -11.54
CA GLU A 297 9.60 46.82 -12.39
C GLU A 297 10.41 46.02 -13.39
N GLU A 298 11.26 46.69 -14.17
CA GLU A 298 12.04 45.97 -15.16
C GLU A 298 13.23 45.24 -14.55
N ALA A 299 13.76 45.71 -13.41
CA ALA A 299 14.83 44.97 -12.74
C ALA A 299 14.32 43.64 -12.19
N ALA A 300 13.15 43.66 -11.54
CA ALA A 300 12.55 42.43 -11.04
C ALA A 300 12.07 41.55 -12.19
N ALA A 301 11.60 42.15 -13.29
CA ALA A 301 11.27 41.35 -14.46
C ALA A 301 12.50 40.66 -15.03
N TYR A 302 13.64 41.35 -15.04
CA TYR A 302 14.88 40.75 -15.52
C TYR A 302 15.34 39.62 -14.61
N ILE A 303 15.25 39.81 -13.29
CA ILE A 303 15.71 38.75 -12.40
C ILE A 303 14.75 37.55 -12.44
N GLN A 304 13.45 37.81 -12.62
CA GLN A 304 12.50 36.71 -12.79
C GLN A 304 12.74 35.95 -14.10
N CYS A 305 13.03 36.68 -15.19
CA CYS A 305 13.29 36.03 -16.46
C CYS A 305 14.61 35.25 -16.42
N GLN A 306 15.64 35.80 -15.78
CA GLN A 306 16.90 35.10 -15.64
C GLN A 306 16.77 33.90 -14.71
N PHE A 307 15.78 33.91 -13.83
CA PHE A 307 15.51 32.74 -13.01
C PHE A 307 14.69 31.68 -13.73
N GLU A 308 13.77 32.12 -14.61
CA GLU A 308 12.83 31.21 -15.26
C GLU A 308 13.40 30.59 -16.53
N ASP A 309 14.26 31.29 -17.25
CA ASP A 309 14.80 30.76 -18.51
C ASP A 309 15.78 29.62 -18.30
N LEU A 310 16.17 29.35 -17.05
CA LEU A 310 17.00 28.19 -16.75
C LEU A 310 16.22 26.88 -16.93
N ASN A 311 14.89 26.93 -16.85
CA ASN A 311 14.03 25.76 -17.03
C ASN A 311 14.24 25.10 -18.39
N LYS A 312 14.77 23.87 -18.38
CA LYS A 312 15.10 23.20 -19.62
C LYS A 312 13.87 22.73 -20.38
N ARG A 313 12.76 22.46 -19.68
CA ARG A 313 11.53 22.01 -20.30
C ARG A 313 10.40 22.96 -19.94
N LYS A 314 9.74 23.51 -20.96
CA LYS A 314 8.60 24.39 -20.77
C LYS A 314 7.29 23.78 -21.23
N ASP A 315 7.32 22.65 -21.95
CA ASP A 315 6.11 21.99 -22.39
C ASP A 315 5.43 21.24 -21.25
N THR A 316 6.20 20.72 -20.29
CA THR A 316 5.68 19.88 -19.24
C THR A 316 5.58 20.57 -17.89
N LYS A 317 6.42 21.56 -17.62
CA LYS A 317 6.51 22.20 -16.32
C LYS A 317 6.17 23.67 -16.44
N GLU A 318 5.37 24.17 -15.50
CA GLU A 318 5.01 25.59 -15.46
C GLU A 318 5.49 26.17 -14.13
N ILE A 319 6.21 27.28 -14.20
CA ILE A 319 6.71 27.97 -13.01
C ILE A 319 5.84 29.17 -12.75
N TYR A 320 5.28 29.25 -11.54
CA TYR A 320 4.30 30.27 -11.18
C TYR A 320 4.99 31.27 -10.26
N THR A 321 5.35 32.43 -10.79
CA THR A 321 6.14 33.41 -10.07
C THR A 321 5.24 34.42 -9.37
N HIS A 322 5.49 34.66 -8.09
CA HIS A 322 4.74 35.64 -7.33
C HIS A 322 5.68 36.44 -6.44
N PHE A 323 5.47 37.75 -6.39
CA PHE A 323 6.19 38.62 -5.48
C PHE A 323 5.38 38.73 -4.19
N THR A 324 5.97 38.29 -3.09
CA THR A 324 5.22 38.14 -1.84
C THR A 324 4.80 39.50 -1.29
N CYS A 325 3.64 39.51 -0.66
CA CYS A 325 3.03 40.74 -0.17
C CYS A 325 2.61 40.57 1.27
N ALA A 326 2.48 41.71 1.97
CA ALA A 326 2.07 41.69 3.37
C ALA A 326 0.61 41.26 3.54
N THR A 327 -0.20 41.34 2.49
CA THR A 327 -1.56 40.86 2.55
C THR A 327 -1.58 39.34 2.65
N ASP A 328 -2.33 38.83 3.62
CA ASP A 328 -2.34 37.40 3.92
C ASP A 328 -3.26 36.59 3.01
N THR A 329 -4.03 37.24 2.14
CA THR A 329 -4.96 36.53 1.27
C THR A 329 -4.39 36.21 -0.10
N LYS A 330 -3.68 37.15 -0.72
CA LYS A 330 -3.16 36.94 -2.07
C LYS A 330 -2.04 35.90 -2.09
N ASN A 331 -1.25 35.82 -1.01
CA ASN A 331 -0.15 34.88 -0.95
C ASN A 331 -0.66 33.44 -0.96
N VAL A 332 -1.73 33.16 -0.24
CA VAL A 332 -2.30 31.82 -0.26
C VAL A 332 -3.20 31.62 -1.47
N GLN A 333 -3.77 32.69 -2.01
CA GLN A 333 -4.60 32.58 -3.21
C GLN A 333 -3.77 32.17 -4.42
N PHE A 334 -2.53 32.66 -4.49
CA PHE A 334 -1.64 32.26 -5.58
C PHE A 334 -1.32 30.76 -5.50
N VAL A 335 -1.05 30.26 -4.30
CA VAL A 335 -0.79 28.83 -4.11
C VAL A 335 -2.03 28.00 -4.45
N PHE A 336 -3.20 28.50 -4.03
CA PHE A 336 -4.46 27.82 -4.33
C PHE A 336 -4.69 27.72 -5.83
N ASP A 337 -4.46 28.82 -6.56
CA ASP A 337 -4.66 28.82 -8.01
C ASP A 337 -3.66 27.92 -8.72
N ALA A 338 -2.39 27.96 -8.32
CA ALA A 338 -1.39 27.11 -8.95
C ALA A 338 -1.66 25.64 -8.69
N VAL A 339 -2.05 25.29 -7.47
CA VAL A 339 -2.36 23.90 -7.13
C VAL A 339 -3.60 23.45 -7.88
N THR A 340 -4.60 24.33 -8.02
CA THR A 340 -5.81 23.98 -8.78
C THR A 340 -5.48 23.74 -10.25
N ASP A 341 -4.57 24.53 -10.83
CA ASP A 341 -4.14 24.28 -12.20
C ASP A 341 -3.43 22.93 -12.33
N VAL A 342 -2.61 22.58 -11.34
CA VAL A 342 -1.96 21.28 -11.35
C VAL A 342 -2.98 20.15 -11.23
N ILE A 343 -4.02 20.34 -10.41
CA ILE A 343 -5.05 19.33 -10.25
C ILE A 343 -5.85 19.18 -11.55
N ILE A 344 -6.09 20.29 -12.25
CA ILE A 344 -6.74 20.23 -13.57
C ILE A 344 -5.90 19.42 -14.54
N LYS A 345 -4.58 19.67 -14.56
CA LYS A 345 -3.70 18.91 -15.44
C LYS A 345 -3.69 17.43 -15.09
N ASN A 346 -3.72 17.12 -13.79
CA ASN A 346 -3.72 15.72 -13.36
C ASN A 346 -5.03 15.03 -13.70
N ASN A 347 -6.15 15.75 -13.60
CA ASN A 347 -7.44 15.17 -13.98
C ASN A 347 -7.55 14.98 -15.48
N LEU A 348 -6.94 15.87 -16.27
CA LEU A 348 -6.85 15.64 -17.71
C LEU A 348 -6.02 14.41 -18.03
N LYS A 349 -4.90 14.22 -17.32
CA LYS A 349 -4.09 13.03 -17.52
C LYS A 349 -4.83 11.77 -17.11
N ASP A 350 -5.65 11.87 -16.06
CA ASP A 350 -6.46 10.73 -15.62
C ASP A 350 -7.52 10.37 -16.65
N CYS A 351 -8.29 11.37 -17.11
CA CYS A 351 -9.35 11.13 -18.08
C CYS A 351 -8.82 10.79 -19.46
N GLY A 352 -7.55 11.04 -19.74
CA GLY A 352 -6.99 10.68 -21.02
C GLY A 352 -7.06 11.76 -22.08
N LEU A 353 -7.71 12.90 -21.78
CA LEU A 353 -7.76 14.00 -22.73
C LEU A 353 -6.37 14.57 -23.00
N PHE A 354 -5.56 14.71 -21.95
CA PHE A 354 -4.18 15.16 -22.11
C PHE A 354 -3.33 14.03 -22.66
N GLN B 27 52.33 17.70 5.69
CA GLN B 27 52.98 17.19 6.88
C GLN B 27 52.33 15.89 7.35
N LEU B 28 51.34 16.03 8.23
CA LEU B 28 50.62 14.85 8.72
C LEU B 28 49.68 14.27 7.68
N ARG B 29 49.28 15.08 6.68
CA ARG B 29 48.48 14.56 5.58
C ARG B 29 49.29 13.55 4.76
N GLN B 30 50.58 13.83 4.56
CA GLN B 30 51.45 12.86 3.88
C GLN B 30 51.64 11.60 4.72
N GLU B 31 51.67 11.75 6.05
CA GLU B 31 51.73 10.60 6.94
C GLU B 31 50.49 9.73 6.79
N ALA B 32 49.30 10.34 6.75
CA ALA B 32 48.07 9.59 6.56
C ALA B 32 48.02 8.93 5.18
N GLU B 33 48.48 9.64 4.15
CA GLU B 33 48.49 9.08 2.80
C GLU B 33 49.43 7.89 2.69
N GLN B 34 50.63 7.98 3.28
CA GLN B 34 51.56 6.85 3.23
C GLN B 34 51.08 5.71 4.13
N LEU B 35 50.33 6.01 5.20
CA LEU B 35 49.73 4.95 6.00
C LEU B 35 48.66 4.20 5.22
N LYS B 36 47.83 4.93 4.48
CA LYS B 36 46.84 4.28 3.62
C LYS B 36 47.50 3.48 2.51
N ASN B 37 48.61 3.99 1.97
CA ASN B 37 49.37 3.24 0.96
C ASN B 37 49.97 1.97 1.56
N GLN B 38 50.43 2.04 2.80
CA GLN B 38 50.94 0.85 3.48
C GLN B 38 49.83 -0.17 3.71
N ILE B 39 48.62 0.30 4.05
CA ILE B 39 47.49 -0.61 4.23
C ILE B 39 47.13 -1.29 2.90
N ARG B 40 47.11 -0.51 1.82
CA ARG B 40 46.81 -1.08 0.50
C ARG B 40 47.88 -2.07 0.06
N ASP B 41 49.15 -1.77 0.34
CA ASP B 41 50.23 -2.69 0.00
C ASP B 41 50.16 -3.97 0.84
N ALA B 42 49.77 -3.85 2.10
CA ALA B 42 49.60 -5.03 2.94
C ALA B 42 48.46 -5.92 2.44
N ARG B 43 47.35 -5.30 2.02
CA ARG B 43 46.24 -6.06 1.45
C ARG B 43 46.64 -6.75 0.15
N LYS B 44 47.39 -6.05 -0.71
CA LYS B 44 47.81 -6.65 -1.96
C LYS B 44 48.84 -7.76 -1.74
N ALA B 45 49.67 -7.63 -0.71
CA ALA B 45 50.60 -8.71 -0.37
C ALA B 45 49.87 -9.90 0.22
N CYS B 46 48.79 -9.65 0.97
CA CYS B 46 48.04 -10.75 1.58
C CYS B 46 47.21 -11.51 0.56
N ALA B 47 46.62 -10.80 -0.41
CA ALA B 47 45.80 -11.46 -1.42
C ALA B 47 46.69 -12.16 -2.45
N ASP B 48 46.40 -13.44 -2.69
CA ASP B 48 47.17 -14.23 -3.66
C ASP B 48 46.33 -15.06 -4.62
N ALA B 49 45.05 -15.27 -4.34
CA ALA B 49 44.18 -16.05 -5.22
C ALA B 49 42.73 -15.64 -4.95
N THR B 50 42.07 -15.14 -5.98
CA THR B 50 40.72 -14.61 -5.82
C THR B 50 39.71 -15.74 -5.66
N LEU B 51 38.52 -15.37 -5.18
CA LEU B 51 37.45 -16.34 -4.97
C LEU B 51 37.05 -17.01 -6.27
N SER B 52 37.05 -16.25 -7.37
CA SER B 52 36.66 -16.81 -8.67
C SER B 52 37.66 -17.86 -9.13
N GLN B 53 38.95 -17.65 -8.85
CA GLN B 53 39.95 -18.63 -9.24
C GLN B 53 39.96 -19.83 -8.32
N ILE B 54 39.64 -19.64 -7.03
CA ILE B 54 39.72 -20.75 -6.09
C ILE B 54 38.43 -21.58 -6.03
N THR B 55 37.29 -21.02 -6.48
CA THR B 55 36.03 -21.77 -6.54
C THR B 55 35.51 -21.89 -7.96
N ASN B 56 36.42 -21.94 -8.95
CA ASN B 56 36.02 -22.08 -10.34
C ASN B 56 35.50 -23.47 -10.65
N ASN B 57 35.89 -24.48 -9.88
CA ASN B 57 35.53 -25.87 -10.13
C ASN B 57 34.26 -26.29 -9.41
N ILE B 58 33.61 -25.40 -8.68
CA ILE B 58 32.40 -25.77 -7.95
C ILE B 58 31.23 -25.91 -8.93
N ASP B 59 30.23 -26.69 -8.52
CA ASP B 59 29.08 -26.92 -9.37
C ASP B 59 28.10 -25.76 -9.26
N PRO B 60 27.74 -25.11 -10.37
CA PRO B 60 26.83 -23.97 -10.28
C PRO B 60 25.41 -24.40 -9.93
N VAL B 61 24.65 -23.43 -9.42
CA VAL B 61 23.26 -23.68 -9.09
C VAL B 61 22.39 -23.80 -10.34
N GLY B 62 22.86 -23.30 -11.48
CA GLY B 62 22.07 -23.31 -12.68
C GLY B 62 20.93 -22.31 -12.62
N ARG B 63 19.90 -22.58 -13.42
CA ARG B 63 18.72 -21.73 -13.43
C ARG B 63 17.91 -21.98 -12.16
N ILE B 64 17.49 -20.89 -11.51
CA ILE B 64 16.68 -20.95 -10.30
C ILE B 64 15.40 -20.17 -10.56
N GLN B 65 14.26 -20.84 -10.39
CA GLN B 65 12.96 -20.26 -10.65
C GLN B 65 12.20 -20.13 -9.34
N MET B 66 11.78 -18.91 -9.03
CA MET B 66 10.96 -18.63 -7.87
C MET B 66 9.66 -17.99 -8.33
N ARG B 67 8.58 -18.33 -7.65
CA ARG B 67 7.25 -17.84 -7.99
C ARG B 67 6.69 -17.07 -6.81
N THR B 68 5.83 -16.11 -7.11
CA THR B 68 5.16 -15.32 -6.08
C THR B 68 4.11 -16.20 -5.41
N ARG B 69 4.48 -16.78 -4.27
CA ARG B 69 3.53 -17.58 -3.51
C ARG B 69 2.47 -16.71 -2.86
N ARG B 70 2.88 -15.62 -2.22
CA ARG B 70 1.96 -14.69 -1.60
C ARG B 70 2.24 -13.28 -2.08
N THR B 71 1.18 -12.50 -2.27
CA THR B 71 1.27 -11.07 -2.50
C THR B 71 0.60 -10.36 -1.34
N LEU B 72 1.36 -9.55 -0.62
CA LEU B 72 0.88 -8.90 0.60
C LEU B 72 0.37 -7.51 0.23
N ARG B 73 -0.82 -7.49 -0.38
CA ARG B 73 -1.48 -6.24 -0.70
C ARG B 73 -2.04 -5.59 0.55
N GLY B 74 -2.19 -4.26 0.50
CA GLY B 74 -2.76 -3.52 1.61
C GLY B 74 -2.12 -2.17 1.83
N HIS B 75 -0.87 -2.02 1.42
CA HIS B 75 -0.22 -0.72 1.48
C HIS B 75 -0.80 0.19 0.40
N LEU B 76 -1.00 1.46 0.75
CA LEU B 76 -1.55 2.44 -0.19
C LEU B 76 -0.54 3.54 -0.50
N ALA B 77 0.74 3.27 -0.33
CA ALA B 77 1.80 4.19 -0.70
C ALA B 77 3.07 3.39 -0.94
N LYS B 78 4.13 4.10 -1.26
CA LYS B 78 5.38 3.49 -1.69
C LYS B 78 6.12 2.90 -0.49
N ILE B 79 6.37 1.59 -0.52
CA ILE B 79 7.05 0.87 0.54
C ILE B 79 8.55 1.15 0.46
N TYR B 80 9.21 1.28 1.61
CA TYR B 80 10.65 1.52 1.68
C TYR B 80 11.42 0.37 2.31
N ALA B 81 11.02 -0.12 3.48
CA ALA B 81 11.80 -1.12 4.19
C ALA B 81 10.89 -2.20 4.76
N MET B 82 11.40 -3.43 4.75
CA MET B 82 10.76 -4.52 5.45
C MET B 82 11.80 -5.29 6.24
N HIS B 83 11.35 -5.95 7.30
CA HIS B 83 12.18 -6.84 8.09
C HIS B 83 11.39 -8.10 8.44
N TRP B 84 12.04 -9.25 8.30
CA TRP B 84 11.41 -10.53 8.58
C TRP B 84 11.32 -10.76 10.09
N GLY B 85 10.94 -11.97 10.47
CA GLY B 85 10.86 -12.31 11.87
C GLY B 85 11.63 -13.56 12.23
N THR B 86 11.97 -13.71 13.51
CA THR B 86 12.64 -14.92 13.95
C THR B 86 11.70 -16.12 13.93
N ASP B 87 10.40 -15.88 14.06
CA ASP B 87 9.40 -16.95 13.89
C ASP B 87 9.23 -17.36 12.44
N SER B 88 9.81 -16.62 11.51
CA SER B 88 9.84 -16.91 10.07
C SER B 88 8.46 -16.90 9.42
N ARG B 89 7.49 -16.33 10.10
CA ARG B 89 6.13 -16.21 9.60
C ARG B 89 5.63 -14.78 9.66
N LEU B 90 6.02 -14.01 10.68
CA LEU B 90 5.66 -12.62 10.81
C LEU B 90 6.77 -11.76 10.22
N LEU B 91 6.39 -10.78 9.40
CA LEU B 91 7.29 -9.73 8.97
C LEU B 91 6.63 -8.40 9.25
N VAL B 92 7.33 -7.31 8.93
CA VAL B 92 6.80 -5.96 9.10
C VAL B 92 7.33 -5.11 7.96
N SER B 93 6.57 -4.10 7.57
CA SER B 93 6.98 -3.24 6.47
C SER B 93 6.43 -1.84 6.68
N ALA B 94 7.21 -0.84 6.26
CA ALA B 94 6.85 0.56 6.39
C ALA B 94 6.73 1.20 5.02
N SER B 95 5.82 2.16 4.91
CA SER B 95 5.62 2.87 3.65
C SER B 95 5.28 4.32 3.95
N GLN B 96 4.88 5.06 2.92
CA GLN B 96 4.70 6.49 2.99
C GLN B 96 3.27 6.91 3.30
N ASP B 97 2.40 5.97 3.67
CA ASP B 97 1.05 6.34 4.08
C ASP B 97 0.94 6.51 5.58
N GLY B 98 2.07 6.53 6.30
CA GLY B 98 2.06 6.59 7.73
C GLY B 98 1.53 5.34 8.38
N LYS B 99 1.82 4.17 7.80
CA LYS B 99 1.37 2.90 8.34
C LYS B 99 2.50 1.89 8.31
N LEU B 100 2.60 1.10 9.38
CA LEU B 100 3.60 0.05 9.53
C LEU B 100 2.85 -1.23 9.87
N ILE B 101 2.82 -2.17 8.95
CA ILE B 101 1.93 -3.34 9.05
C ILE B 101 2.76 -4.58 9.36
N ILE B 102 2.32 -5.35 10.35
CA ILE B 102 2.86 -6.69 10.59
C ILE B 102 2.05 -7.69 9.78
N TRP B 103 2.75 -8.51 9.01
CA TRP B 103 2.12 -9.42 8.05
C TRP B 103 2.27 -10.86 8.51
N ASP B 104 1.15 -11.55 8.65
CA ASP B 104 1.14 -13.00 8.79
C ASP B 104 1.35 -13.58 7.40
N SER B 105 2.60 -13.89 7.07
CA SER B 105 2.95 -14.20 5.70
C SER B 105 2.45 -15.56 5.25
N TYR B 106 2.07 -16.45 6.17
CA TYR B 106 1.57 -17.76 5.77
C TYR B 106 0.15 -17.66 5.22
N THR B 107 -0.69 -16.85 5.84
CA THR B 107 -2.09 -16.73 5.45
C THR B 107 -2.41 -15.41 4.76
N THR B 108 -1.40 -14.56 4.55
CA THR B 108 -1.54 -13.19 4.04
C THR B 108 -2.60 -12.43 4.85
N ASN B 109 -2.24 -12.19 6.11
CA ASN B 109 -3.10 -11.50 7.06
C ASN B 109 -2.41 -10.25 7.59
N LYS B 110 -3.19 -9.39 8.20
CA LYS B 110 -2.69 -8.17 8.84
C LYS B 110 -2.88 -8.32 10.35
N VAL B 111 -1.78 -8.65 11.04
CA VAL B 111 -1.84 -8.81 12.48
C VAL B 111 -2.01 -7.46 13.17
N HIS B 112 -1.18 -6.48 12.80
CA HIS B 112 -1.23 -5.15 13.38
C HIS B 112 -0.99 -4.11 12.30
N ALA B 113 -1.42 -2.88 12.57
CA ALA B 113 -1.15 -1.76 11.67
C ALA B 113 -0.94 -0.52 12.53
N ILE B 114 0.30 -0.02 12.56
CA ILE B 114 0.67 1.10 13.42
C ILE B 114 0.52 2.40 12.63
N PRO B 115 -0.30 3.34 13.07
CA PRO B 115 -0.27 4.69 12.48
C PRO B 115 0.92 5.49 13.00
N LEU B 116 1.90 5.71 12.13
CA LEU B 116 3.10 6.44 12.51
C LEU B 116 2.81 7.93 12.67
N ARG B 117 3.61 8.57 13.52
CA ARG B 117 3.55 10.02 13.65
C ARG B 117 4.27 10.73 12.52
N SER B 118 5.34 10.12 11.99
CA SER B 118 6.08 10.67 10.87
C SER B 118 5.91 9.74 9.68
N SER B 119 5.41 10.30 8.56
CA SER B 119 5.13 9.48 7.38
C SER B 119 6.40 9.04 6.68
N TRP B 120 7.46 9.82 6.77
CA TRP B 120 8.69 9.59 6.00
C TRP B 120 9.59 8.68 6.80
N VAL B 121 9.56 7.38 6.46
CA VAL B 121 10.38 6.38 7.15
C VAL B 121 11.06 5.49 6.11
N MET B 122 12.39 5.36 6.23
CA MET B 122 13.16 4.50 5.35
C MET B 122 13.63 3.22 6.04
N THR B 123 13.27 3.00 7.30
CA THR B 123 13.72 1.80 7.96
C THR B 123 12.63 1.29 8.89
N CYS B 124 12.62 -0.03 9.08
CA CYS B 124 11.82 -0.68 10.09
C CYS B 124 12.59 -1.92 10.55
N ALA B 125 12.47 -2.23 11.83
CA ALA B 125 13.21 -3.33 12.43
C ALA B 125 12.28 -4.18 13.27
N TYR B 126 12.53 -5.49 13.28
CA TYR B 126 11.76 -6.45 14.05
C TYR B 126 12.67 -7.01 15.13
N ALA B 127 12.22 -6.96 16.38
CA ALA B 127 13.05 -7.41 17.49
C ALA B 127 13.24 -8.92 17.41
N PRO B 128 14.42 -9.43 17.78
CA PRO B 128 14.64 -10.89 17.76
C PRO B 128 13.77 -11.64 18.76
N SER B 129 13.28 -10.96 19.81
CA SER B 129 12.33 -11.55 20.74
C SER B 129 10.90 -11.49 20.23
N GLY B 130 10.65 -10.77 19.14
CA GLY B 130 9.31 -10.64 18.59
C GLY B 130 8.40 -9.74 19.38
N ASN B 131 8.92 -9.00 20.34
CA ASN B 131 8.12 -8.21 21.26
C ASN B 131 7.96 -6.77 20.80
N TYR B 132 8.98 -6.20 20.17
CA TYR B 132 8.99 -4.80 19.76
C TYR B 132 9.22 -4.68 18.26
N VAL B 133 8.81 -3.54 17.72
CA VAL B 133 9.07 -3.18 16.32
C VAL B 133 9.62 -1.74 16.35
N ALA B 134 10.31 -1.37 15.28
CA ALA B 134 10.96 -0.07 15.20
C ALA B 134 10.68 0.57 13.84
N CYS B 135 10.83 1.89 13.80
CA CYS B 135 10.69 2.64 12.56
C CYS B 135 11.49 3.92 12.67
N GLY B 136 11.83 4.49 11.52
CA GLY B 136 12.55 5.75 11.52
C GLY B 136 12.79 6.21 10.09
N GLY B 137 13.05 7.51 9.97
CA GLY B 137 13.24 8.11 8.65
C GLY B 137 13.63 9.58 8.72
N LEU B 138 12.98 10.42 7.92
CA LEU B 138 13.38 11.82 7.80
C LEU B 138 13.16 12.62 9.09
N ASP B 139 12.43 12.08 10.05
CA ASP B 139 12.24 12.77 11.34
C ASP B 139 13.39 12.54 12.31
N ASN B 140 14.42 11.81 11.90
CA ASN B 140 15.68 11.61 12.63
C ASN B 140 15.50 10.84 13.93
N ILE B 141 14.38 10.14 14.09
CA ILE B 141 13.98 9.53 15.35
C ILE B 141 13.74 8.04 15.13
N CYS B 142 14.33 7.21 15.99
CA CYS B 142 14.10 5.77 15.95
C CYS B 142 12.99 5.43 16.94
N SER B 143 11.75 5.49 16.47
CA SER B 143 10.61 5.15 17.32
C SER B 143 10.58 3.66 17.61
N ILE B 144 10.15 3.31 18.81
CA ILE B 144 9.99 1.92 19.24
C ILE B 144 8.53 1.73 19.64
N TYR B 145 7.93 0.64 19.15
CA TYR B 145 6.55 0.29 19.45
C TYR B 145 6.51 -1.08 20.12
N ASN B 146 5.56 -1.24 21.04
CA ASN B 146 5.40 -2.48 21.80
C ASN B 146 4.27 -3.29 21.17
N LEU B 147 4.60 -4.42 20.56
CA LEU B 147 3.61 -5.27 19.92
C LEU B 147 2.80 -6.07 20.92
N LYS B 148 3.40 -6.44 22.06
CA LYS B 148 2.77 -7.33 23.04
C LYS B 148 2.24 -6.57 24.24
N THR B 149 1.63 -5.41 24.01
CA THR B 149 1.06 -4.62 25.10
C THR B 149 -0.11 -5.36 25.74
N ARG B 150 -0.20 -5.25 27.07
CA ARG B 150 -1.32 -5.84 27.80
C ARG B 150 -2.64 -5.19 27.43
N GLU B 151 -2.62 -3.90 27.06
CA GLU B 151 -3.85 -3.21 26.69
C GLU B 151 -4.31 -3.52 25.28
N GLY B 152 -3.53 -4.28 24.52
CA GLY B 152 -3.94 -4.72 23.19
C GLY B 152 -3.39 -3.89 22.05
N ASN B 153 -3.62 -2.58 22.07
CA ASN B 153 -3.16 -1.73 20.98
C ASN B 153 -1.64 -1.53 21.04
N VAL B 154 -1.06 -1.28 19.88
CA VAL B 154 0.38 -1.03 19.79
C VAL B 154 0.62 0.44 20.06
N ARG B 155 1.47 0.73 21.04
CA ARG B 155 1.68 2.10 21.49
C ARG B 155 3.18 2.40 21.52
N VAL B 156 3.50 3.70 21.62
CA VAL B 156 4.89 4.13 21.66
C VAL B 156 5.50 3.78 23.01
N SER B 157 6.76 3.37 22.98
CA SER B 157 7.52 3.11 24.20
C SER B 157 8.69 4.06 24.37
N ARG B 158 9.42 4.36 23.31
CA ARG B 158 10.56 5.26 23.38
C ARG B 158 10.67 6.04 22.09
N GLU B 159 10.82 7.35 22.20
CA GLU B 159 11.14 8.22 21.08
C GLU B 159 12.64 8.51 21.17
N LEU B 160 13.42 7.81 20.35
CA LEU B 160 14.89 7.89 20.44
C LEU B 160 15.37 9.10 19.65
N ALA B 161 15.31 10.26 20.29
CA ALA B 161 15.81 11.50 19.72
C ALA B 161 17.26 11.72 20.11
N GLY B 162 18.01 12.36 19.22
CA GLY B 162 19.44 12.52 19.40
C GLY B 162 20.19 12.52 18.10
N HIS B 163 19.48 12.24 17.00
CA HIS B 163 20.03 12.37 15.67
C HIS B 163 19.50 13.63 15.00
N THR B 164 20.32 14.20 14.11
CA THR B 164 19.92 15.34 13.31
C THR B 164 19.78 15.03 11.83
N GLY B 165 20.37 13.92 11.36
CA GLY B 165 20.17 13.47 10.01
C GLY B 165 19.10 12.38 9.93
N TYR B 166 18.73 12.04 8.69
CA TYR B 166 17.63 11.11 8.47
C TYR B 166 18.04 9.69 8.85
N LEU B 167 17.21 9.05 9.66
CA LEU B 167 17.49 7.69 10.10
C LEU B 167 17.32 6.73 8.94
N SER B 168 18.43 6.23 8.41
CA SER B 168 18.40 5.38 7.24
C SER B 168 18.30 3.90 7.56
N CYS B 169 18.76 3.47 8.72
CA CYS B 169 18.69 2.06 9.09
C CYS B 169 18.61 1.96 10.61
N CYS B 170 17.94 0.91 11.07
CA CYS B 170 17.88 0.59 12.49
C CYS B 170 17.73 -0.91 12.65
N ARG B 171 18.43 -1.47 13.63
CA ARG B 171 18.45 -2.91 13.85
C ARG B 171 18.49 -3.18 15.35
N PHE B 172 17.61 -4.05 15.82
CA PHE B 172 17.56 -4.40 17.24
C PHE B 172 18.77 -5.26 17.60
N LEU B 173 19.65 -4.75 18.45
CA LEU B 173 20.74 -5.56 18.97
C LEU B 173 20.20 -6.66 19.87
N ASP B 174 19.28 -6.31 20.76
CA ASP B 174 18.54 -7.25 21.60
C ASP B 174 17.25 -6.54 22.01
N ASP B 175 16.57 -7.06 23.02
CA ASP B 175 15.32 -6.49 23.46
C ASP B 175 15.48 -5.11 24.09
N ASN B 176 16.71 -4.72 24.43
CA ASN B 176 16.96 -3.48 25.16
C ASN B 176 17.95 -2.55 24.48
N GLN B 177 18.56 -2.95 23.36
CA GLN B 177 19.50 -2.11 22.63
C GLN B 177 19.17 -2.13 21.16
N ILE B 178 19.57 -1.07 20.47
CA ILE B 178 19.29 -0.91 19.04
C ILE B 178 20.38 -0.06 18.42
N VAL B 179 20.95 -0.54 17.31
CA VAL B 179 22.00 0.17 16.61
C VAL B 179 21.40 0.82 15.36
N THR B 180 21.63 2.12 15.21
CA THR B 180 21.02 2.91 14.16
C THR B 180 22.08 3.66 13.37
N SER B 181 21.82 3.84 12.08
CA SER B 181 22.64 4.69 11.22
C SER B 181 21.78 5.83 10.69
N SER B 182 22.38 7.01 10.57
CA SER B 182 21.62 8.23 10.39
C SER B 182 22.22 9.03 9.25
N GLY B 183 21.67 10.23 9.02
CA GLY B 183 22.14 11.13 8.00
C GLY B 183 23.16 12.14 8.47
N ASP B 184 23.50 12.10 9.76
CA ASP B 184 24.51 12.98 10.33
C ASP B 184 25.86 12.28 10.45
N THR B 185 26.16 11.39 9.50
CA THR B 185 27.41 10.62 9.31
C THR B 185 27.86 9.85 10.55
N THR B 186 26.98 9.67 11.55
CA THR B 186 27.33 8.99 12.79
C THR B 186 26.30 7.90 13.07
N CYS B 187 26.78 6.70 13.37
CA CYS B 187 25.92 5.66 13.91
C CYS B 187 25.76 5.85 15.41
N ALA B 188 24.87 5.06 16.00
CA ALA B 188 24.56 5.22 17.42
C ALA B 188 24.01 3.92 17.98
N LEU B 189 24.74 3.31 18.91
CA LEU B 189 24.18 2.23 19.72
C LEU B 189 23.39 2.85 20.87
N TRP B 190 22.11 2.51 20.96
CA TRP B 190 21.22 3.14 21.90
C TRP B 190 20.99 2.24 23.11
N ASP B 191 20.28 2.80 24.09
CA ASP B 191 19.83 2.07 25.27
C ASP B 191 18.37 2.44 25.45
N ILE B 192 17.48 1.50 25.12
CA ILE B 192 16.05 1.81 25.09
C ILE B 192 15.50 2.00 26.51
N GLU B 193 16.16 1.44 27.52
CA GLU B 193 15.64 1.59 28.88
C GLU B 193 16.02 2.93 29.51
N THR B 194 16.86 3.75 28.86
CA THR B 194 17.15 5.09 29.33
C THR B 194 16.88 6.18 28.29
N GLY B 195 16.68 5.82 27.02
CA GLY B 195 16.40 6.80 26.00
C GLY B 195 17.59 7.57 25.50
N GLN B 196 18.81 7.16 25.83
CA GLN B 196 20.01 7.87 25.42
C GLN B 196 21.03 6.88 24.88
N GLN B 197 21.93 7.39 24.05
CA GLN B 197 22.95 6.55 23.44
C GLN B 197 24.00 6.14 24.47
N THR B 198 24.66 5.03 24.19
CA THR B 198 25.85 4.62 24.94
C THR B 198 27.13 4.70 24.12
N THR B 199 27.05 4.58 22.80
CA THR B 199 28.21 4.68 21.92
C THR B 199 27.79 5.37 20.65
N THR B 200 28.62 6.31 20.18
CA THR B 200 28.43 6.97 18.90
C THR B 200 29.57 6.57 17.98
N PHE B 201 29.23 5.98 16.83
CA PHE B 201 30.23 5.45 15.91
C PHE B 201 30.52 6.51 14.86
N THR B 202 31.61 7.24 15.03
CA THR B 202 31.99 8.32 14.15
C THR B 202 33.22 7.94 13.35
N GLY B 203 33.35 8.50 12.15
CA GLY B 203 34.49 8.23 11.31
C GLY B 203 34.18 8.19 9.83
N HIS B 204 32.90 8.13 9.49
CA HIS B 204 32.51 8.21 8.08
C HIS B 204 32.67 9.63 7.58
N THR B 205 33.21 9.76 6.37
CA THR B 205 33.21 11.04 5.66
C THR B 205 32.04 11.12 4.69
N GLY B 206 30.83 10.84 5.16
CA GLY B 206 29.69 10.78 4.27
C GLY B 206 28.51 10.10 4.92
N ASP B 207 27.35 10.29 4.31
CA ASP B 207 26.07 9.91 4.88
C ASP B 207 25.92 8.38 4.91
N VAL B 208 25.93 7.79 6.10
CA VAL B 208 25.81 6.34 6.22
C VAL B 208 24.37 5.92 5.96
N MET B 209 24.19 4.92 5.10
CA MET B 209 22.89 4.59 4.53
C MET B 209 22.31 3.27 5.01
N SER B 210 23.13 2.29 5.38
CA SER B 210 22.61 1.00 5.78
C SER B 210 23.62 0.30 6.67
N LEU B 211 23.13 -0.36 7.72
CA LEU B 211 23.96 -1.19 8.57
C LEU B 211 23.37 -2.60 8.64
N SER B 212 24.23 -3.57 8.93
CA SER B 212 23.80 -4.94 9.14
C SER B 212 24.46 -5.48 10.40
N LEU B 213 23.70 -6.28 11.14
CA LEU B 213 24.13 -6.84 12.41
C LEU B 213 24.70 -8.23 12.22
N ALA B 214 25.81 -8.50 12.88
CA ALA B 214 26.45 -9.80 12.81
C ALA B 214 25.68 -10.83 13.62
N PRO B 215 25.83 -12.12 13.30
CA PRO B 215 25.20 -13.16 14.14
C PRO B 215 25.68 -13.18 15.57
N ASP B 216 26.96 -12.88 15.83
CA ASP B 216 27.48 -12.93 17.19
C ASP B 216 27.14 -11.69 18.00
N THR B 217 26.51 -10.69 17.37
CA THR B 217 25.88 -9.50 17.94
C THR B 217 26.91 -8.49 18.46
N ARG B 218 28.19 -8.82 18.43
CA ARG B 218 29.24 -7.92 18.92
C ARG B 218 29.91 -7.13 17.79
N LEU B 219 29.49 -7.33 16.54
CA LEU B 219 30.03 -6.59 15.42
C LEU B 219 28.88 -6.10 14.55
N PHE B 220 29.12 -5.02 13.82
CA PHE B 220 28.21 -4.58 12.79
C PHE B 220 28.96 -3.71 11.79
N VAL B 221 28.64 -3.87 10.51
CA VAL B 221 29.22 -3.07 9.45
C VAL B 221 28.16 -2.10 8.96
N SER B 222 28.61 -1.00 8.37
CA SER B 222 27.69 0.01 7.84
C SER B 222 28.32 0.66 6.62
N GLY B 223 27.67 0.53 5.47
CA GLY B 223 28.12 1.23 4.29
C GLY B 223 27.61 2.66 4.27
N ALA B 224 28.37 3.53 3.61
CA ALA B 224 28.10 4.96 3.65
C ALA B 224 28.23 5.57 2.27
N CYS B 225 27.91 6.87 2.19
CA CYS B 225 27.92 7.60 0.93
C CYS B 225 29.32 8.01 0.50
N ASP B 226 30.32 7.82 1.34
CA ASP B 226 31.72 8.02 0.95
C ASP B 226 32.32 6.80 0.28
N ALA B 227 31.47 5.89 -0.23
CA ALA B 227 31.88 4.66 -0.90
C ALA B 227 32.75 3.78 -0.01
N SER B 228 32.45 3.77 1.29
CA SER B 228 33.19 2.96 2.23
C SER B 228 32.25 2.35 3.24
N ALA B 229 32.47 1.08 3.56
CA ALA B 229 31.75 0.37 4.60
C ALA B 229 32.72 0.12 5.75
N LYS B 230 32.36 0.58 6.94
CA LYS B 230 33.26 0.55 8.08
C LYS B 230 32.70 -0.36 9.17
N LEU B 231 33.49 -1.35 9.57
CA LEU B 231 33.14 -2.22 10.68
C LEU B 231 33.30 -1.49 12.00
N TRP B 232 32.47 -1.84 12.97
CA TRP B 232 32.61 -1.30 14.31
C TRP B 232 32.44 -2.42 15.33
N ASP B 233 33.04 -2.22 16.50
CA ASP B 233 32.73 -3.03 17.67
C ASP B 233 31.58 -2.36 18.42
N VAL B 234 30.57 -3.16 18.77
CA VAL B 234 29.39 -2.61 19.43
C VAL B 234 29.72 -2.15 20.85
N ARG B 235 30.60 -2.89 21.55
CA ARG B 235 30.84 -2.62 22.96
C ARG B 235 31.61 -1.31 23.17
N GLU B 236 32.65 -1.09 22.36
CA GLU B 236 33.55 0.04 22.57
C GLU B 236 33.42 1.14 21.52
N GLY B 237 33.13 0.80 20.28
CA GLY B 237 32.94 1.80 19.24
C GLY B 237 34.12 2.03 18.34
N MET B 238 35.20 1.27 18.49
CA MET B 238 36.35 1.44 17.61
C MET B 238 36.02 0.91 16.22
N CYS B 239 36.51 1.61 15.21
CA CYS B 239 36.33 1.20 13.81
C CYS B 239 37.42 0.20 13.49
N ARG B 240 37.04 -1.08 13.45
CA ARG B 240 38.03 -2.14 13.31
C ARG B 240 38.59 -2.21 11.90
N GLN B 241 37.73 -2.06 10.88
CA GLN B 241 38.17 -2.05 9.49
C GLN B 241 37.39 -1.01 8.71
N THR B 242 37.96 -0.63 7.56
CA THR B 242 37.24 0.11 6.54
C THR B 242 37.42 -0.60 5.20
N PHE B 243 36.45 -0.40 4.31
CA PHE B 243 36.40 -1.13 3.04
C PHE B 243 36.03 -0.14 1.95
N THR B 244 37.02 0.26 1.15
CA THR B 244 36.88 1.33 0.16
C THR B 244 36.89 0.82 -1.27
N GLY B 245 36.22 -0.30 -1.55
CA GLY B 245 36.26 -0.87 -2.88
C GLY B 245 35.25 -0.32 -3.86
N HIS B 246 34.18 0.32 -3.38
CA HIS B 246 33.10 0.70 -4.27
C HIS B 246 33.41 2.01 -4.99
N GLU B 247 32.46 2.49 -5.77
CA GLU B 247 32.64 3.72 -6.55
C GLU B 247 31.70 4.84 -6.12
N SER B 248 30.38 4.65 -6.21
CA SER B 248 29.46 5.78 -6.04
C SER B 248 29.11 6.05 -4.58
N ASP B 249 28.31 5.16 -3.99
CA ASP B 249 27.85 5.28 -2.60
C ASP B 249 27.05 4.04 -2.18
N ILE B 250 27.26 3.57 -0.96
CA ILE B 250 26.64 2.33 -0.51
C ILE B 250 25.19 2.60 -0.12
N ASN B 251 24.31 1.71 -0.58
CA ASN B 251 22.90 1.78 -0.23
C ASN B 251 22.38 0.50 0.40
N ALA B 252 23.15 -0.60 0.34
CA ALA B 252 22.72 -1.91 0.79
C ALA B 252 23.88 -2.64 1.42
N ILE B 253 23.60 -3.39 2.48
CA ILE B 253 24.64 -4.14 3.19
C ILE B 253 23.97 -5.29 3.92
N CYS B 254 24.68 -6.41 4.04
CA CYS B 254 24.18 -7.60 4.70
C CYS B 254 25.32 -8.55 5.01
N PHE B 255 25.39 -9.04 6.25
CA PHE B 255 26.41 -10.02 6.62
C PHE B 255 26.16 -11.36 5.92
N PHE B 256 27.23 -12.12 5.81
CA PHE B 256 27.14 -13.54 5.53
C PHE B 256 26.52 -14.24 6.74
N PRO B 257 25.89 -15.40 6.53
CA PRO B 257 25.35 -16.15 7.67
C PRO B 257 26.38 -16.53 8.73
N ASN B 258 27.63 -16.79 8.36
CA ASN B 258 28.64 -17.11 9.37
C ASN B 258 29.27 -15.86 9.98
N GLY B 259 29.01 -14.68 9.42
CA GLY B 259 29.51 -13.44 9.95
C GLY B 259 30.96 -13.12 9.63
N ASN B 260 31.58 -13.84 8.69
CA ASN B 260 32.95 -13.59 8.30
C ASN B 260 33.06 -12.85 6.98
N ALA B 261 31.94 -12.37 6.44
CA ALA B 261 31.91 -11.63 5.19
C ALA B 261 30.66 -10.76 5.21
N PHE B 262 30.57 -9.85 4.25
CA PHE B 262 29.36 -9.07 4.05
C PHE B 262 29.35 -8.49 2.64
N ALA B 263 28.19 -8.46 2.03
CA ALA B 263 28.03 -7.96 0.67
C ALA B 263 27.43 -6.56 0.71
N THR B 264 27.85 -5.73 -0.24
CA THR B 264 27.49 -4.31 -0.28
C THR B 264 26.95 -3.97 -1.66
N GLY B 265 25.69 -3.54 -1.72
CA GLY B 265 25.11 -3.02 -2.95
C GLY B 265 25.20 -1.51 -2.97
N SER B 266 25.66 -0.97 -4.10
CA SER B 266 25.84 0.47 -4.23
C SER B 266 25.19 0.92 -5.53
N ASP B 267 25.40 2.18 -5.89
CA ASP B 267 24.70 2.79 -7.02
C ASP B 267 25.40 2.59 -8.34
N ASP B 268 26.56 1.95 -8.38
CA ASP B 268 27.25 1.71 -9.64
C ASP B 268 26.90 0.35 -10.25
N ALA B 269 25.71 -0.16 -9.93
CA ALA B 269 25.18 -1.43 -10.43
C ALA B 269 26.11 -2.61 -10.10
N THR B 270 26.73 -2.55 -8.92
CA THR B 270 27.66 -3.58 -8.51
C THR B 270 27.44 -3.92 -7.05
N CYS B 271 27.34 -5.22 -6.77
CA CYS B 271 27.36 -5.74 -5.41
C CYS B 271 28.73 -6.37 -5.17
N ARG B 272 29.38 -5.99 -4.09
CA ARG B 272 30.74 -6.44 -3.81
C ARG B 272 30.73 -7.26 -2.53
N LEU B 273 31.21 -8.50 -2.62
CA LEU B 273 31.46 -9.29 -1.44
C LEU B 273 32.74 -8.83 -0.78
N PHE B 274 32.73 -8.74 0.54
CA PHE B 274 33.88 -8.29 1.30
C PHE B 274 34.33 -9.38 2.26
N ASP B 275 35.28 -9.05 3.12
CA ASP B 275 35.94 -10.05 3.96
C ASP B 275 36.34 -9.42 5.27
N LEU B 276 35.91 -10.03 6.38
CA LEU B 276 36.23 -9.48 7.69
C LEU B 276 37.67 -9.75 8.10
N ARG B 277 38.23 -10.90 7.71
CA ARG B 277 39.58 -11.26 8.11
C ARG B 277 40.61 -10.80 7.09
N ALA B 278 40.40 -11.13 5.81
CA ALA B 278 41.39 -10.78 4.79
C ALA B 278 41.36 -9.30 4.44
N ASP B 279 40.22 -8.63 4.63
CA ASP B 279 39.99 -7.20 4.41
C ASP B 279 40.03 -6.76 2.96
N GLN B 280 40.06 -7.69 2.01
CA GLN B 280 39.99 -7.33 0.59
C GLN B 280 38.58 -7.55 0.06
N GLU B 281 38.36 -7.06 -1.16
CA GLU B 281 37.12 -7.34 -1.86
C GLU B 281 37.26 -8.69 -2.58
N LEU B 282 36.30 -9.58 -2.32
CA LEU B 282 36.39 -10.95 -2.83
C LEU B 282 35.82 -11.09 -4.23
N MET B 283 34.54 -10.77 -4.40
CA MET B 283 33.87 -10.96 -5.68
C MET B 283 33.10 -9.71 -6.04
N THR B 284 32.84 -9.57 -7.34
CA THR B 284 32.06 -8.47 -7.90
C THR B 284 30.88 -9.03 -8.67
N TYR B 285 29.71 -8.46 -8.45
CA TYR B 285 28.45 -8.94 -9.00
C TYR B 285 27.86 -7.81 -9.83
N SER B 286 28.28 -7.75 -11.09
CA SER B 286 27.86 -6.70 -12.00
C SER B 286 27.73 -7.26 -13.40
N HIS B 287 26.82 -6.68 -14.17
CA HIS B 287 26.62 -7.06 -15.56
C HIS B 287 26.52 -5.80 -16.39
N ASP B 288 26.85 -5.92 -17.68
CA ASP B 288 26.79 -4.76 -18.56
C ASP B 288 25.35 -4.38 -18.89
N ASN B 289 24.41 -5.33 -18.82
CA ASN B 289 23.03 -5.02 -19.14
C ASN B 289 22.36 -4.19 -18.05
N ILE B 290 22.90 -4.21 -16.84
CA ILE B 290 22.33 -3.49 -15.71
C ILE B 290 23.20 -2.28 -15.40
N ILE B 291 22.56 -1.13 -15.23
CA ILE B 291 23.27 0.12 -15.01
C ILE B 291 22.82 0.85 -13.74
N CYS B 292 21.62 0.60 -13.25
CA CYS B 292 21.16 1.25 -12.03
C CYS B 292 21.57 0.45 -10.80
N GLY B 293 21.54 1.12 -9.66
CA GLY B 293 22.12 0.58 -8.44
C GLY B 293 21.25 -0.41 -7.72
N ILE B 294 21.67 -0.72 -6.50
CA ILE B 294 21.06 -1.74 -5.65
C ILE B 294 20.54 -1.07 -4.39
N THR B 295 19.30 -1.37 -4.02
CA THR B 295 18.72 -0.75 -2.84
C THR B 295 18.86 -1.63 -1.60
N SER B 296 18.67 -2.95 -1.75
CA SER B 296 18.75 -3.87 -0.62
C SER B 296 19.46 -5.15 -1.05
N VAL B 297 20.10 -5.81 -0.09
CA VAL B 297 20.73 -7.10 -0.32
C VAL B 297 20.41 -8.02 0.86
N SER B 298 20.35 -9.32 0.58
CA SER B 298 20.19 -10.33 1.60
C SER B 298 20.80 -11.63 1.08
N PHE B 299 21.10 -12.54 2.01
CA PHE B 299 21.70 -13.82 1.70
C PHE B 299 20.71 -14.93 2.01
N SER B 300 20.97 -16.12 1.45
CA SER B 300 20.23 -17.30 1.85
C SER B 300 20.88 -17.93 3.08
N LYS B 301 20.28 -19.02 3.57
CA LYS B 301 20.83 -19.71 4.74
C LYS B 301 22.19 -20.31 4.46
N SER B 302 22.36 -20.91 3.28
CA SER B 302 23.66 -21.47 2.91
C SER B 302 24.68 -20.36 2.65
N GLY B 303 24.22 -19.19 2.25
CA GLY B 303 25.10 -18.11 1.85
C GLY B 303 25.51 -18.15 0.40
N ARG B 304 25.10 -19.17 -0.35
CA ARG B 304 25.43 -19.28 -1.76
C ARG B 304 24.49 -18.47 -2.64
N LEU B 305 23.43 -17.88 -2.09
CA LEU B 305 22.43 -17.21 -2.89
C LEU B 305 22.24 -15.80 -2.35
N LEU B 306 22.96 -14.84 -2.93
CA LEU B 306 22.81 -13.44 -2.57
C LEU B 306 21.80 -12.79 -3.51
N LEU B 307 20.72 -12.27 -2.94
CA LEU B 307 19.68 -11.60 -3.69
C LEU B 307 19.84 -10.10 -3.54
N ALA B 308 19.82 -9.38 -4.66
CA ALA B 308 20.03 -7.93 -4.66
C ALA B 308 18.86 -7.29 -5.35
N GLY B 309 18.15 -6.41 -4.64
CA GLY B 309 17.01 -5.72 -5.20
C GLY B 309 17.41 -4.47 -5.97
N TYR B 310 17.43 -4.57 -7.30
CA TYR B 310 17.93 -3.50 -8.13
C TYR B 310 16.87 -2.42 -8.36
N ASP B 311 17.23 -1.39 -9.11
CA ASP B 311 16.33 -0.31 -9.46
C ASP B 311 15.68 -0.48 -10.82
N ASP B 312 15.95 -1.59 -11.51
CA ASP B 312 15.42 -1.84 -12.84
C ASP B 312 14.08 -2.59 -12.80
N PHE B 313 13.32 -2.38 -11.73
CA PHE B 313 11.99 -2.93 -11.46
C PHE B 313 11.99 -4.42 -11.20
N ASN B 314 13.14 -5.03 -10.93
CA ASN B 314 13.18 -6.45 -10.63
C ASN B 314 14.40 -6.77 -9.79
N CYS B 315 14.24 -7.74 -8.90
CA CYS B 315 15.36 -8.24 -8.11
C CYS B 315 16.20 -9.18 -8.96
N ASN B 316 17.44 -9.39 -8.52
CA ASN B 316 18.34 -10.33 -9.16
C ASN B 316 18.79 -11.34 -8.12
N VAL B 317 19.16 -12.52 -8.60
CA VAL B 317 19.67 -13.60 -7.78
C VAL B 317 21.07 -13.91 -8.26
N TRP B 318 22.03 -13.83 -7.36
CA TRP B 318 23.44 -13.98 -7.66
C TRP B 318 23.98 -15.20 -6.96
N ASP B 319 24.59 -16.11 -7.72
CA ASP B 319 25.39 -17.17 -7.15
C ASP B 319 26.59 -16.53 -6.46
N ALA B 320 26.58 -16.50 -5.12
CA ALA B 320 27.56 -15.76 -4.36
C ALA B 320 28.95 -16.36 -4.40
N LEU B 321 29.10 -17.55 -4.96
CA LEU B 321 30.39 -18.20 -5.10
C LEU B 321 30.91 -18.19 -6.52
N LYS B 322 30.09 -17.82 -7.51
CA LYS B 322 30.50 -17.85 -8.90
C LYS B 322 30.32 -16.52 -9.62
N ALA B 323 29.73 -15.50 -8.97
CA ALA B 323 29.42 -14.20 -9.56
C ALA B 323 28.57 -14.32 -10.83
N ASP B 324 27.71 -15.34 -10.88
CA ASP B 324 26.80 -15.53 -11.99
C ASP B 324 25.40 -15.07 -11.58
N ARG B 325 24.53 -14.95 -12.57
CA ARG B 325 23.13 -14.63 -12.35
C ARG B 325 22.31 -15.90 -12.55
N ALA B 326 21.49 -16.24 -11.56
CA ALA B 326 20.72 -17.47 -11.60
C ALA B 326 19.22 -17.26 -11.78
N GLY B 327 18.72 -16.07 -11.45
CA GLY B 327 17.29 -15.82 -11.64
C GLY B 327 17.00 -14.35 -11.50
N VAL B 328 15.81 -13.98 -11.97
CA VAL B 328 15.30 -12.62 -11.86
C VAL B 328 13.93 -12.69 -11.20
N LEU B 329 13.72 -11.90 -10.16
CA LEU B 329 12.48 -11.93 -9.40
C LEU B 329 11.60 -10.78 -9.89
N ALA B 330 11.01 -10.98 -11.06
CA ALA B 330 10.28 -9.94 -11.77
C ALA B 330 8.89 -9.77 -11.16
N GLY B 331 7.99 -9.11 -11.89
CA GLY B 331 6.65 -8.91 -11.40
C GLY B 331 6.45 -7.63 -10.62
N HIS B 332 7.51 -6.86 -10.40
CA HIS B 332 7.39 -5.54 -9.78
C HIS B 332 7.36 -4.49 -10.88
N ASP B 333 6.39 -3.59 -10.80
CA ASP B 333 6.24 -2.52 -11.77
C ASP B 333 7.00 -1.27 -11.39
N ASN B 334 7.65 -1.25 -10.23
CA ASN B 334 8.40 -0.10 -9.75
C ASN B 334 9.69 -0.60 -9.11
N ARG B 335 10.47 0.34 -8.58
CA ARG B 335 11.80 0.03 -8.08
C ARG B 335 11.71 -0.77 -6.79
N VAL B 336 12.49 -1.85 -6.72
CA VAL B 336 12.54 -2.68 -5.51
C VAL B 336 13.33 -1.94 -4.44
N SER B 337 12.69 -1.72 -3.30
CA SER B 337 13.31 -0.94 -2.22
C SER B 337 13.80 -1.80 -1.06
N CYS B 338 13.15 -2.92 -0.78
CA CYS B 338 13.54 -3.76 0.34
C CYS B 338 13.42 -5.22 -0.05
N LEU B 339 14.20 -6.06 0.62
CA LEU B 339 14.36 -7.45 0.22
C LEU B 339 14.89 -8.20 1.44
N GLY B 340 14.08 -9.07 2.01
CA GLY B 340 14.48 -9.82 3.18
C GLY B 340 14.30 -11.31 2.98
N VAL B 341 15.31 -12.07 3.38
CA VAL B 341 15.25 -13.52 3.40
C VAL B 341 15.05 -13.96 4.84
N THR B 342 14.06 -14.84 5.05
CA THR B 342 13.66 -15.22 6.39
C THR B 342 14.70 -16.14 7.03
N ASP B 343 14.58 -16.31 8.35
CA ASP B 343 15.66 -16.94 9.12
C ASP B 343 15.82 -18.42 8.80
N ASP B 344 14.72 -19.14 8.58
CA ASP B 344 14.83 -20.54 8.20
C ASP B 344 14.97 -20.73 6.69
N GLY B 345 15.18 -19.64 5.95
CA GLY B 345 15.52 -19.72 4.53
C GLY B 345 14.38 -20.06 3.62
N MET B 346 13.14 -20.10 4.12
CA MET B 346 12.03 -20.57 3.31
C MET B 346 11.61 -19.56 2.25
N ALA B 347 11.52 -18.29 2.62
CA ALA B 347 10.86 -17.29 1.80
C ALA B 347 11.73 -16.04 1.65
N VAL B 348 11.52 -15.34 0.53
CA VAL B 348 12.17 -14.07 0.25
C VAL B 348 11.07 -13.06 -0.05
N ALA B 349 10.77 -12.20 0.91
CA ALA B 349 9.77 -11.15 0.69
C ALA B 349 10.46 -9.90 0.16
N THR B 350 10.01 -9.45 -1.00
CA THR B 350 10.61 -8.31 -1.70
C THR B 350 9.58 -7.20 -1.82
N GLY B 351 9.75 -6.15 -1.05
CA GLY B 351 8.94 -4.96 -1.21
C GLY B 351 9.48 -4.08 -2.33
N SER B 352 8.64 -3.13 -2.76
CA SER B 352 9.02 -2.23 -3.83
C SER B 352 8.17 -0.97 -3.74
N TRP B 353 8.26 -0.12 -4.75
CA TRP B 353 7.59 1.16 -4.74
C TRP B 353 6.16 1.09 -5.28
N ASP B 354 5.70 -0.08 -5.70
CA ASP B 354 4.34 -0.22 -6.20
C ASP B 354 3.37 -0.76 -5.15
N SER B 355 3.63 -0.49 -3.87
CA SER B 355 2.75 -0.80 -2.74
C SER B 355 2.55 -2.30 -2.54
N PHE B 356 3.43 -3.15 -3.08
CA PHE B 356 3.28 -4.60 -2.95
C PHE B 356 4.55 -5.20 -2.39
N LEU B 357 4.38 -6.29 -1.65
CA LEU B 357 5.47 -7.17 -1.25
C LEU B 357 5.18 -8.55 -1.82
N LYS B 358 6.14 -9.13 -2.53
CA LYS B 358 5.96 -10.43 -3.16
C LYS B 358 6.90 -11.42 -2.49
N ILE B 359 6.35 -12.55 -2.08
CA ILE B 359 7.10 -13.58 -1.35
C ILE B 359 7.46 -14.68 -2.33
N TRP B 360 8.74 -15.04 -2.38
CA TRP B 360 9.27 -15.97 -3.36
C TRP B 360 9.75 -17.23 -2.66
N ASN B 361 9.55 -18.38 -3.32
CA ASN B 361 9.90 -19.65 -2.72
C ASN B 361 10.29 -20.67 -3.79
N ALA C 10 43.18 19.88 13.35
CA ALA C 10 43.17 19.16 14.63
C ALA C 10 42.72 17.72 14.45
N GLN C 11 41.89 17.49 13.43
CA GLN C 11 41.40 16.14 13.14
C GLN C 11 42.40 15.28 12.40
N ALA C 12 43.52 15.88 11.94
CA ALA C 12 44.54 15.10 11.24
C ALA C 12 45.19 14.08 12.16
N ARG C 13 45.46 14.46 13.41
CA ARG C 13 46.05 13.53 14.37
C ARG C 13 45.11 12.39 14.68
N LYS C 14 43.81 12.68 14.85
CA LYS C 14 42.82 11.63 15.13
C LYS C 14 42.65 10.71 13.92
N LEU C 15 42.65 11.27 12.72
CA LEU C 15 42.58 10.44 11.51
C LEU C 15 43.81 9.55 11.36
N VAL C 16 44.99 10.08 11.67
CA VAL C 16 46.22 9.29 11.61
C VAL C 16 46.18 8.17 12.64
N GLU C 17 45.71 8.46 13.85
CA GLU C 17 45.60 7.44 14.89
C GLU C 17 44.60 6.36 14.51
N GLN C 18 43.46 6.75 13.92
CA GLN C 18 42.47 5.77 13.47
C GLN C 18 43.03 4.91 12.35
N LEU C 19 43.77 5.51 11.41
CA LEU C 19 44.38 4.74 10.34
C LEU C 19 45.43 3.77 10.86
N LYS C 20 46.22 4.18 11.85
CA LYS C 20 47.24 3.25 12.35
C LYS C 20 46.65 2.15 13.22
N MET C 21 45.58 2.43 13.97
CA MET C 21 44.96 1.35 14.74
C MET C 21 44.15 0.43 13.84
N GLU C 22 43.72 0.91 12.68
CA GLU C 22 43.15 0.01 11.68
C GLU C 22 44.26 -0.82 11.01
N ALA C 23 45.42 -0.20 10.78
CA ALA C 23 46.52 -0.89 10.10
C ALA C 23 47.12 -1.98 10.96
N ASN C 24 47.10 -1.82 12.29
CA ASN C 24 47.72 -2.80 13.19
C ASN C 24 46.73 -3.94 13.43
N ILE C 25 46.72 -4.89 12.48
CA ILE C 25 45.92 -6.10 12.60
C ILE C 25 46.55 -7.14 11.69
N ASP C 26 46.29 -8.41 11.96
CA ASP C 26 46.73 -9.50 11.10
C ASP C 26 45.63 -9.87 10.11
N ARG C 27 46.04 -10.11 8.86
CA ARG C 27 45.14 -10.45 7.78
C ARG C 27 45.42 -11.87 7.31
N ILE C 28 44.38 -12.69 7.22
CA ILE C 28 44.54 -14.06 6.74
C ILE C 28 44.50 -14.03 5.22
N LYS C 29 45.01 -15.10 4.59
CA LYS C 29 45.07 -15.16 3.14
C LYS C 29 43.66 -15.21 2.55
N VAL C 30 43.47 -14.48 1.43
CA VAL C 30 42.16 -14.41 0.82
C VAL C 30 41.78 -15.75 0.20
N SER C 31 42.77 -16.56 -0.18
CA SER C 31 42.50 -17.92 -0.66
C SER C 31 41.92 -18.78 0.45
N LYS C 32 42.52 -18.72 1.64
CA LYS C 32 42.01 -19.47 2.79
C LYS C 32 40.63 -18.96 3.21
N ALA C 33 40.42 -17.64 3.15
CA ALA C 33 39.12 -17.10 3.52
C ALA C 33 38.04 -17.51 2.54
N ALA C 34 38.32 -17.45 1.24
CA ALA C 34 37.34 -17.91 0.25
C ALA C 34 37.10 -19.40 0.34
N ALA C 35 38.13 -20.18 0.70
CA ALA C 35 37.92 -21.60 0.94
C ALA C 35 37.03 -21.85 2.14
N ASP C 36 37.16 -21.02 3.19
CA ASP C 36 36.29 -21.15 4.36
C ASP C 36 34.85 -20.80 4.02
N LEU C 37 34.65 -19.74 3.22
CA LEU C 37 33.31 -19.39 2.75
C LEU C 37 32.71 -20.51 1.90
N MET C 38 33.51 -21.10 1.01
CA MET C 38 33.06 -22.23 0.20
C MET C 38 32.74 -23.45 1.04
N ALA C 39 33.54 -23.70 2.10
CA ALA C 39 33.28 -24.82 2.99
C ALA C 39 31.98 -24.62 3.77
N TYR C 40 31.71 -23.40 4.21
CA TYR C 40 30.44 -23.10 4.87
C TYR C 40 29.27 -23.32 3.92
N CYS C 41 29.41 -22.88 2.67
CA CYS C 41 28.34 -23.08 1.69
C CYS C 41 28.13 -24.55 1.37
N GLU C 42 29.21 -25.33 1.33
CA GLU C 42 29.08 -26.76 1.12
C GLU C 42 28.45 -27.47 2.32
N ALA C 43 28.74 -26.98 3.53
CA ALA C 43 28.22 -27.61 4.73
C ALA C 43 26.74 -27.33 4.92
N HIS C 44 26.30 -26.10 4.66
CA HIS C 44 24.92 -25.71 4.90
C HIS C 44 24.05 -25.82 3.64
N ALA C 45 24.38 -26.75 2.75
CA ALA C 45 23.66 -26.84 1.48
C ALA C 45 22.26 -27.41 1.67
N LYS C 46 22.12 -28.46 2.48
CA LYS C 46 20.84 -29.14 2.65
C LYS C 46 19.84 -28.34 3.47
N GLU C 47 20.27 -27.25 4.11
CA GLU C 47 19.41 -26.44 4.95
C GLU C 47 18.90 -25.19 4.23
N ASP C 48 19.03 -25.14 2.91
CA ASP C 48 18.62 -23.98 2.13
C ASP C 48 17.41 -24.32 1.29
N PRO C 49 16.21 -23.85 1.66
CA PRO C 49 15.04 -24.08 0.80
C PRO C 49 15.13 -23.43 -0.57
N LEU C 50 15.81 -22.28 -0.69
CA LEU C 50 15.87 -21.60 -1.98
C LEU C 50 16.83 -22.28 -2.94
N LEU C 51 17.97 -22.76 -2.45
CA LEU C 51 18.96 -23.37 -3.32
C LEU C 51 18.46 -24.72 -3.83
N THR C 52 17.96 -25.57 -2.96
CA THR C 52 17.34 -26.84 -3.34
C THR C 52 15.84 -26.73 -3.11
N PRO C 53 15.01 -26.73 -4.16
CA PRO C 53 13.56 -26.57 -3.97
C PRO C 53 12.93 -27.74 -3.22
N VAL C 54 12.45 -27.47 -2.02
CA VAL C 54 11.81 -28.47 -1.17
C VAL C 54 10.48 -28.88 -1.80
N PRO C 55 10.03 -30.11 -1.63
CA PRO C 55 8.70 -30.49 -2.15
C PRO C 55 7.58 -29.72 -1.47
N ALA C 56 6.48 -29.55 -2.19
CA ALA C 56 5.39 -28.68 -1.78
C ALA C 56 4.58 -29.24 -0.61
N SER C 57 4.81 -30.49 -0.21
CA SER C 57 4.03 -31.07 0.87
C SER C 57 4.32 -30.39 2.20
N GLU C 58 5.60 -30.25 2.55
CA GLU C 58 6.00 -29.58 3.78
C GLU C 58 6.30 -28.10 3.59
N ASN C 59 6.21 -27.60 2.36
CA ASN C 59 6.42 -26.20 2.09
C ASN C 59 5.27 -25.38 2.68
N PRO C 60 5.54 -24.41 3.55
CA PRO C 60 4.45 -23.67 4.21
C PRO C 60 3.74 -22.70 3.29
N PHE C 61 4.27 -22.43 2.10
CA PHE C 61 3.65 -21.52 1.16
C PHE C 61 3.06 -22.35 0.02
N ARG C 62 1.73 -22.47 0.00
CA ARG C 62 1.03 -23.31 -0.96
C ARG C 62 -0.16 -22.55 -1.52
N GLU C 63 -0.59 -22.97 -2.71
CA GLU C 63 -1.77 -22.40 -3.33
C GLU C 63 -3.03 -22.96 -2.69
N LYS C 64 -4.09 -22.16 -2.72
CA LYS C 64 -5.38 -22.56 -2.16
C LYS C 64 -6.54 -21.92 -2.92
N VAL D 2 -6.26 -3.42 32.96
CA VAL D 2 -7.44 -4.06 32.44
C VAL D 2 -8.42 -4.30 33.57
N GLN D 3 -9.68 -3.94 33.36
CA GLN D 3 -10.70 -4.07 34.40
C GLN D 3 -12.07 -4.18 33.76
N LEU D 4 -12.72 -5.31 33.95
CA LEU D 4 -14.05 -5.58 33.39
C LEU D 4 -15.00 -5.86 34.54
N VAL D 5 -15.98 -4.99 34.73
CA VAL D 5 -16.92 -5.09 35.85
C VAL D 5 -18.33 -5.16 35.29
N GLU D 6 -19.11 -6.12 35.79
CA GLU D 6 -20.46 -6.37 35.29
C GLU D 6 -21.51 -5.77 36.23
N SER D 7 -22.74 -5.74 35.75
CA SER D 7 -23.85 -5.19 36.52
C SER D 7 -25.15 -5.79 36.00
N GLY D 8 -26.21 -5.63 36.79
CA GLY D 8 -27.52 -6.09 36.40
C GLY D 8 -27.84 -7.49 36.84
N GLY D 9 -27.65 -7.78 38.13
CA GLY D 9 -27.92 -9.09 38.67
C GLY D 9 -29.19 -9.15 39.49
N GLY D 10 -29.22 -10.03 40.49
CA GLY D 10 -30.32 -10.12 41.41
C GLY D 10 -31.31 -11.22 41.03
N LEU D 11 -32.27 -11.44 41.92
CA LEU D 11 -33.30 -12.44 41.68
C LEU D 11 -34.23 -11.98 40.57
N VAL D 12 -34.64 -12.92 39.72
CA VAL D 12 -35.54 -12.64 38.61
C VAL D 12 -36.72 -13.61 38.68
N GLN D 13 -37.90 -13.11 38.33
CA GLN D 13 -39.04 -13.98 38.14
C GLN D 13 -38.83 -14.84 36.90
N PRO D 14 -39.17 -16.13 36.95
CA PRO D 14 -39.07 -16.97 35.74
C PRO D 14 -40.00 -16.47 34.65
N GLY D 15 -39.54 -16.56 33.41
CA GLY D 15 -40.23 -15.98 32.28
C GLY D 15 -40.00 -14.50 32.11
N GLY D 16 -39.20 -13.87 32.97
CA GLY D 16 -38.91 -12.46 32.89
C GLY D 16 -37.70 -12.15 32.04
N SER D 17 -37.20 -10.94 32.21
CA SER D 17 -36.08 -10.44 31.42
C SER D 17 -35.07 -9.75 32.32
N ARG D 18 -33.82 -9.73 31.87
CA ARG D 18 -32.76 -9.07 32.62
C ARG D 18 -31.67 -8.62 31.65
N LYS D 19 -31.21 -7.39 31.83
CA LYS D 19 -30.17 -6.79 30.99
C LYS D 19 -28.83 -6.87 31.72
N LEU D 20 -27.88 -7.58 31.13
CA LEU D 20 -26.52 -7.67 31.64
C LEU D 20 -25.64 -6.67 30.91
N SER D 21 -24.66 -6.11 31.62
CA SER D 21 -23.77 -5.11 31.03
C SER D 21 -22.39 -5.25 31.67
N CYS D 22 -21.38 -5.56 30.86
CA CYS D 22 -19.99 -5.65 31.31
C CYS D 22 -19.28 -4.39 30.81
N SER D 23 -19.13 -3.41 31.70
CA SER D 23 -18.50 -2.14 31.36
C SER D 23 -16.99 -2.29 31.38
N ALA D 24 -16.43 -2.63 30.22
CA ALA D 24 -14.99 -2.81 30.11
C ALA D 24 -14.27 -1.47 30.15
N SER D 25 -13.09 -1.46 30.75
CA SER D 25 -12.28 -0.27 30.86
C SER D 25 -10.83 -0.68 31.05
N GLY D 26 -9.93 0.27 30.82
CA GLY D 26 -8.52 0.03 31.01
C GLY D 26 -7.80 -0.63 29.85
N PHE D 27 -8.48 -0.89 28.75
CA PHE D 27 -7.84 -1.49 27.59
C PHE D 27 -8.63 -1.10 26.35
N ALA D 28 -8.03 -1.34 25.19
CA ALA D 28 -8.67 -1.05 23.91
C ALA D 28 -9.78 -2.06 23.66
N PHE D 29 -11.02 -1.67 23.94
CA PHE D 29 -12.14 -2.60 23.86
C PHE D 29 -12.48 -2.98 22.43
N SER D 30 -12.34 -2.05 21.49
CA SER D 30 -12.82 -2.27 20.13
C SER D 30 -11.99 -3.30 19.37
N SER D 31 -10.77 -3.58 19.82
CA SER D 31 -9.92 -4.55 19.14
C SER D 31 -10.02 -5.95 19.73
N PHE D 32 -10.85 -6.16 20.75
CA PHE D 32 -10.95 -7.43 21.46
C PHE D 32 -12.32 -8.04 21.23
N GLY D 33 -12.34 -9.29 20.78
CA GLY D 33 -13.56 -10.06 20.80
C GLY D 33 -13.99 -10.37 22.22
N MET D 34 -15.29 -10.55 22.40
CA MET D 34 -15.89 -10.66 23.73
C MET D 34 -16.73 -11.92 23.84
N HIS D 35 -16.86 -12.43 25.06
CA HIS D 35 -17.64 -13.63 25.34
C HIS D 35 -18.46 -13.42 26.60
N TRP D 36 -19.42 -14.32 26.79
CA TRP D 36 -20.07 -14.52 28.08
C TRP D 36 -19.98 -16.00 28.41
N VAL D 37 -19.54 -16.32 29.63
CA VAL D 37 -19.34 -17.71 30.04
C VAL D 37 -20.01 -17.91 31.40
N ARG D 38 -20.94 -18.85 31.45
CA ARG D 38 -21.76 -19.14 32.61
C ARG D 38 -21.06 -20.07 33.57
N GLN D 39 -21.66 -20.23 34.75
CA GLN D 39 -21.19 -21.19 35.75
C GLN D 39 -22.34 -21.53 36.67
N ALA D 40 -22.69 -22.80 36.75
CA ALA D 40 -23.73 -23.25 37.65
C ALA D 40 -23.29 -23.04 39.11
N PRO D 41 -24.24 -22.86 40.03
CA PRO D 41 -23.87 -22.60 41.44
C PRO D 41 -23.07 -23.71 42.10
N GLU D 42 -23.09 -24.93 41.56
CA GLU D 42 -22.24 -26.00 42.06
C GLU D 42 -21.40 -26.69 40.99
N LYS D 43 -21.82 -26.66 39.73
CA LYS D 43 -21.13 -27.37 38.67
C LYS D 43 -20.10 -26.46 38.01
N GLY D 44 -19.56 -26.88 36.87
CA GLY D 44 -18.52 -26.14 36.18
C GLY D 44 -19.02 -25.02 35.30
N LEU D 45 -18.32 -24.79 34.18
CA LEU D 45 -18.57 -23.67 33.30
C LEU D 45 -19.26 -24.15 32.03
N GLU D 46 -20.05 -23.27 31.41
CA GLU D 46 -20.57 -23.54 30.07
C GLU D 46 -20.66 -22.23 29.31
N TRP D 47 -20.21 -22.26 28.06
CA TRP D 47 -20.14 -21.05 27.25
C TRP D 47 -21.54 -20.60 26.82
N VAL D 48 -21.72 -19.28 26.72
CA VAL D 48 -23.03 -18.68 26.43
C VAL D 48 -23.08 -18.04 25.03
N ALA D 49 -22.24 -17.04 24.78
CA ALA D 49 -22.33 -16.28 23.55
C ALA D 49 -20.99 -15.61 23.25
N TYR D 50 -20.86 -15.10 22.03
CA TYR D 50 -19.64 -14.46 21.59
C TYR D 50 -19.93 -13.45 20.50
N ILE D 51 -19.30 -12.28 20.59
CA ILE D 51 -19.38 -11.25 19.57
C ILE D 51 -17.97 -10.89 19.14
N SER D 52 -17.75 -10.81 17.84
CA SER D 52 -16.43 -10.52 17.31
C SER D 52 -16.16 -9.01 17.35
N SER D 53 -14.90 -8.65 17.16
CA SER D 53 -14.53 -7.24 17.07
C SER D 53 -15.10 -6.64 15.79
N GLY D 54 -15.92 -5.61 15.95
CA GLY D 54 -16.64 -5.07 14.82
C GLY D 54 -17.93 -5.76 14.49
N SER D 55 -18.39 -6.67 15.36
CA SER D 55 -19.68 -7.37 15.24
C SER D 55 -19.78 -8.16 13.93
N GLY D 56 -18.64 -8.65 13.45
CA GLY D 56 -18.62 -9.38 12.19
C GLY D 56 -19.27 -10.75 12.31
N THR D 57 -18.91 -11.51 13.33
CA THR D 57 -19.44 -12.85 13.55
C THR D 57 -19.94 -12.97 14.99
N ILE D 58 -21.16 -13.47 15.14
CA ILE D 58 -21.74 -13.73 16.45
C ILE D 58 -22.14 -15.21 16.50
N TYR D 59 -21.67 -15.90 17.53
CA TYR D 59 -21.99 -17.29 17.76
C TYR D 59 -22.71 -17.44 19.09
N TYR D 60 -23.60 -18.44 19.16
CA TYR D 60 -24.41 -18.68 20.35
C TYR D 60 -24.31 -20.13 20.76
N ALA D 61 -24.52 -20.37 22.05
CA ALA D 61 -24.72 -21.73 22.52
C ALA D 61 -26.06 -22.24 22.04
N ASP D 62 -26.13 -23.54 21.77
CA ASP D 62 -27.33 -24.13 21.21
C ASP D 62 -28.49 -24.14 22.20
N THR D 63 -28.20 -24.03 23.50
CA THR D 63 -29.26 -23.99 24.50
C THR D 63 -29.91 -22.61 24.61
N VAL D 64 -29.28 -21.57 24.10
CA VAL D 64 -29.81 -20.21 24.24
C VAL D 64 -29.77 -19.48 22.90
N LYS D 65 -29.65 -20.23 21.81
CA LYS D 65 -29.65 -19.61 20.49
C LYS D 65 -31.03 -19.10 20.17
N GLY D 66 -31.16 -17.78 20.03
CA GLY D 66 -32.44 -17.14 19.82
C GLY D 66 -33.12 -16.67 21.09
N ARG D 67 -32.59 -17.03 22.25
CA ARG D 67 -33.12 -16.55 23.52
C ARG D 67 -32.31 -15.41 24.11
N PHE D 68 -31.03 -15.33 23.79
CA PHE D 68 -30.14 -14.28 24.27
C PHE D 68 -29.69 -13.43 23.09
N THR D 69 -29.51 -12.14 23.33
CA THR D 69 -28.96 -11.23 22.33
C THR D 69 -27.72 -10.55 22.91
N ILE D 70 -26.61 -10.64 22.19
CA ILE D 70 -25.34 -10.08 22.63
C ILE D 70 -24.96 -8.92 21.71
N SER D 71 -24.66 -7.77 22.32
CA SER D 71 -24.38 -6.56 21.58
C SER D 71 -23.25 -5.81 22.27
N ARG D 72 -22.58 -4.94 21.52
CA ARG D 72 -21.49 -4.15 22.06
C ARG D 72 -21.66 -2.68 21.66
N ASP D 73 -21.15 -1.81 22.52
CA ASP D 73 -21.15 -0.36 22.31
C ASP D 73 -19.70 0.09 22.37
N ASP D 74 -19.04 0.07 21.21
CA ASP D 74 -17.62 0.41 21.13
C ASP D 74 -17.27 1.82 21.60
N PRO D 75 -18.04 2.90 21.29
CA PRO D 75 -17.70 4.19 21.90
C PRO D 75 -17.77 4.21 23.42
N LYS D 76 -18.66 3.43 24.02
CA LYS D 76 -18.80 3.41 25.48
C LYS D 76 -17.96 2.33 26.13
N ASN D 77 -17.26 1.51 25.34
CA ASN D 77 -16.45 0.37 25.82
C ASN D 77 -17.28 -0.59 26.67
N THR D 78 -18.52 -0.85 26.25
CA THR D 78 -19.47 -1.60 27.04
C THR D 78 -19.94 -2.84 26.28
N LEU D 79 -20.03 -3.96 27.00
CA LEU D 79 -20.64 -5.18 26.51
C LEU D 79 -22.05 -5.31 27.07
N PHE D 80 -22.88 -6.07 26.37
CA PHE D 80 -24.26 -6.26 26.78
C PHE D 80 -24.69 -7.70 26.55
N LEU D 81 -25.68 -8.14 27.33
CA LEU D 81 -26.33 -9.42 27.10
C LEU D 81 -27.78 -9.25 27.55
N GLN D 82 -28.67 -8.97 26.61
CA GLN D 82 -30.09 -8.87 26.90
C GLN D 82 -30.70 -10.27 26.89
N MET D 83 -31.43 -10.59 27.95
CA MET D 83 -31.96 -11.93 28.16
C MET D 83 -33.48 -11.88 28.26
N THR D 84 -34.13 -12.85 27.60
CA THR D 84 -35.58 -12.93 27.57
C THR D 84 -36.01 -14.36 27.90
N SER D 85 -37.18 -14.46 28.56
CA SER D 85 -37.83 -15.71 28.95
C SER D 85 -36.87 -16.64 29.71
N LEU D 86 -36.46 -16.18 30.89
CA LEU D 86 -35.48 -16.90 31.68
C LEU D 86 -36.06 -18.18 32.25
N ARG D 87 -35.38 -19.29 32.01
CA ARG D 87 -35.85 -20.63 32.34
C ARG D 87 -35.30 -21.07 33.69
N SER D 88 -35.52 -22.33 34.02
CA SER D 88 -35.13 -22.86 35.33
C SER D 88 -33.62 -23.08 35.41
N GLU D 89 -32.96 -23.34 34.29
CA GLU D 89 -31.51 -23.49 34.25
C GLU D 89 -30.81 -22.18 33.92
N ASP D 90 -31.40 -21.05 34.28
CA ASP D 90 -30.76 -19.75 34.14
C ASP D 90 -30.24 -19.22 35.47
N THR D 91 -30.44 -19.96 36.56
CA THR D 91 -29.89 -19.58 37.86
C THR D 91 -28.41 -19.95 37.87
N ALA D 92 -27.58 -18.97 37.54
CA ALA D 92 -26.13 -19.17 37.43
C ALA D 92 -25.48 -17.80 37.47
N MET D 93 -24.16 -17.75 37.23
CA MET D 93 -23.44 -16.49 37.25
C MET D 93 -22.54 -16.38 36.01
N TYR D 94 -22.43 -15.17 35.49
CA TYR D 94 -21.91 -14.90 34.16
C TYR D 94 -20.59 -14.13 34.23
N TYR D 95 -19.69 -14.45 33.29
CA TYR D 95 -18.38 -13.81 33.20
C TYR D 95 -18.21 -13.24 31.80
N CYS D 96 -17.85 -11.97 31.70
CA CYS D 96 -17.49 -11.38 30.41
C CYS D 96 -16.00 -11.63 30.17
N VAL D 97 -15.68 -12.28 29.07
CA VAL D 97 -14.33 -12.77 28.82
C VAL D 97 -13.70 -11.95 27.70
N ARG D 98 -12.55 -11.36 27.99
CA ARG D 98 -11.70 -10.77 26.99
C ARG D 98 -11.08 -11.87 26.13
N SER D 99 -10.96 -11.60 24.83
CA SER D 99 -10.26 -12.51 23.93
C SER D 99 -9.81 -11.71 22.72
N ILE D 100 -8.74 -12.20 22.07
CA ILE D 100 -8.25 -11.57 20.85
C ILE D 100 -7.67 -12.67 19.97
N TYR D 101 -7.72 -12.45 18.66
CA TYR D 101 -7.36 -13.48 17.70
C TYR D 101 -6.52 -12.85 16.59
N TYR D 102 -5.21 -12.96 16.70
CA TYR D 102 -4.29 -12.84 15.58
C TYR D 102 -3.27 -13.94 15.75
N TYR D 103 -2.21 -13.90 14.95
CA TYR D 103 -1.17 -14.93 15.09
C TYR D 103 -0.38 -14.69 16.36
N GLY D 104 -0.25 -15.74 17.17
CA GLY D 104 0.44 -15.62 18.44
C GLY D 104 -0.35 -14.93 19.53
N SER D 105 -1.65 -14.77 19.36
CA SER D 105 -2.48 -14.14 20.38
C SER D 105 -2.70 -15.10 21.55
N SER D 106 -3.25 -14.56 22.63
CA SER D 106 -3.59 -15.32 23.82
C SER D 106 -5.05 -15.05 24.18
N PRO D 107 -5.98 -15.72 23.50
CA PRO D 107 -7.40 -15.46 23.78
C PRO D 107 -7.83 -16.08 25.10
N PHE D 108 -9.01 -15.64 25.56
CA PHE D 108 -9.62 -16.06 26.82
C PHE D 108 -8.68 -15.80 28.00
N ASP D 109 -8.01 -14.65 27.99
CA ASP D 109 -6.95 -14.40 28.96
C ASP D 109 -7.34 -13.43 30.07
N PHE D 110 -8.40 -12.64 29.89
CA PHE D 110 -8.93 -11.86 31.01
C PHE D 110 -10.39 -12.19 31.22
N TRP D 111 -10.81 -12.20 32.47
CA TRP D 111 -12.17 -12.54 32.86
C TRP D 111 -12.67 -11.50 33.85
N GLY D 112 -13.94 -11.14 33.70
CA GLY D 112 -14.54 -10.21 34.62
C GLY D 112 -14.76 -10.83 35.99
N GLN D 113 -15.10 -9.96 36.95
CA GLN D 113 -15.37 -10.43 38.30
C GLN D 113 -16.63 -11.28 38.36
N GLY D 114 -17.63 -10.94 37.58
CA GLY D 114 -18.81 -11.77 37.47
C GLY D 114 -20.02 -11.13 38.12
N THR D 115 -21.20 -11.52 37.64
CA THR D 115 -22.46 -11.11 38.23
C THR D 115 -23.35 -12.33 38.36
N THR D 116 -24.20 -12.33 39.38
CA THR D 116 -25.04 -13.47 39.73
C THR D 116 -26.49 -13.20 39.34
N LEU D 117 -27.11 -14.16 38.68
CA LEU D 117 -28.52 -14.08 38.29
C LEU D 117 -29.21 -15.38 38.69
N THR D 118 -30.07 -15.32 39.70
CA THR D 118 -30.77 -16.48 40.22
C THR D 118 -32.25 -16.36 39.91
N VAL D 119 -32.81 -17.41 39.33
CA VAL D 119 -34.23 -17.43 39.00
C VAL D 119 -35.01 -17.99 40.18
N SER D 120 -36.31 -17.72 40.18
CA SER D 120 -37.22 -18.18 41.23
C SER D 120 -38.00 -19.39 40.75
N SER D 121 -38.50 -20.17 41.69
CA SER D 121 -39.31 -21.34 41.38
C SER D 121 -40.72 -20.94 40.98
N SER D 136 -23.13 -33.49 18.43
CA SER D 136 -22.08 -33.17 17.46
C SER D 136 -21.03 -32.25 18.07
N ASP D 137 -21.26 -31.83 19.32
CA ASP D 137 -20.32 -30.96 20.01
C ASP D 137 -19.19 -31.79 20.60
N ILE D 138 -18.00 -31.17 20.67
CA ILE D 138 -16.84 -31.83 21.26
C ILE D 138 -17.02 -31.76 22.78
N VAL D 139 -17.41 -32.88 23.38
CA VAL D 139 -17.66 -32.93 24.82
C VAL D 139 -16.33 -33.09 25.55
N MET D 140 -16.06 -32.17 26.49
CA MET D 140 -14.84 -32.21 27.29
C MET D 140 -15.18 -32.81 28.65
N THR D 141 -14.46 -33.87 29.01
CA THR D 141 -14.73 -34.61 30.24
C THR D 141 -13.45 -34.72 31.04
N GLN D 142 -13.42 -34.08 32.21
CA GLN D 142 -12.31 -34.28 33.14
C GLN D 142 -12.43 -35.66 33.76
N ALA D 143 -11.43 -36.52 33.51
CA ALA D 143 -11.50 -37.91 33.93
C ALA D 143 -11.53 -38.03 35.46
N THR D 144 -10.73 -37.23 36.15
CA THR D 144 -10.76 -37.16 37.60
C THR D 144 -11.65 -36.01 38.03
N SER D 145 -11.89 -35.91 39.34
CA SER D 145 -12.74 -34.86 39.87
C SER D 145 -12.05 -34.13 41.01
N SER D 146 -11.17 -34.82 41.72
CA SER D 146 -10.42 -34.22 42.82
C SER D 146 -9.20 -35.07 43.10
N VAL D 147 -8.12 -34.42 43.51
CA VAL D 147 -6.89 -35.10 43.90
C VAL D 147 -6.38 -34.56 45.23
N PRO D 148 -6.13 -35.42 46.22
CA PRO D 148 -5.56 -34.96 47.49
C PRO D 148 -4.05 -34.78 47.36
N VAL D 149 -3.62 -33.52 47.38
CA VAL D 149 -2.23 -33.17 47.08
C VAL D 149 -1.74 -32.16 48.10
N THR D 150 -0.62 -32.48 48.77
CA THR D 150 0.10 -31.59 49.67
C THR D 150 0.99 -30.64 48.86
N PRO D 151 1.32 -29.45 49.39
CA PRO D 151 2.16 -28.52 48.62
C PRO D 151 3.57 -29.03 48.45
N GLY D 152 3.96 -29.29 47.20
CA GLY D 152 5.33 -29.65 46.92
C GLY D 152 5.56 -30.73 45.88
N GLU D 153 4.51 -31.31 45.30
CA GLU D 153 4.68 -32.40 44.36
C GLU D 153 3.96 -32.10 43.05
N SER D 154 4.43 -32.74 41.98
CA SER D 154 3.86 -32.54 40.66
C SER D 154 2.50 -33.22 40.54
N VAL D 155 1.56 -32.52 39.90
CA VAL D 155 0.19 -32.99 39.71
C VAL D 155 -0.13 -32.92 38.23
N SER D 156 -0.72 -33.98 37.69
CA SER D 156 -1.17 -34.02 36.31
C SER D 156 -2.69 -34.00 36.29
N ILE D 157 -3.25 -33.05 35.56
CA ILE D 157 -4.71 -32.90 35.44
C ILE D 157 -5.11 -33.43 34.07
N SER D 158 -5.91 -34.49 34.06
CA SER D 158 -6.24 -35.22 32.83
C SER D 158 -7.62 -34.81 32.34
N CYS D 159 -7.68 -34.33 31.10
CA CYS D 159 -8.94 -34.01 30.43
C CYS D 159 -8.98 -34.74 29.09
N ARG D 160 -10.13 -35.35 28.81
CA ARG D 160 -10.33 -36.10 27.58
C ARG D 160 -11.13 -35.29 26.58
N SER D 161 -11.00 -35.68 25.31
CA SER D 161 -11.69 -35.02 24.21
C SER D 161 -12.38 -36.07 23.35
N SER D 162 -13.51 -35.68 22.76
CA SER D 162 -14.25 -36.56 21.87
C SER D 162 -13.86 -36.38 20.40
N LYS D 163 -12.86 -35.54 20.12
CA LYS D 163 -12.37 -35.31 18.77
C LYS D 163 -10.97 -34.74 18.88
N SER D 164 -10.13 -35.02 17.88
CA SER D 164 -8.78 -34.49 17.87
C SER D 164 -8.82 -32.98 17.64
N LEU D 165 -8.26 -32.22 18.57
CA LEU D 165 -8.24 -30.77 18.48
C LEU D 165 -7.03 -30.25 17.69
N LEU D 166 -6.20 -31.13 17.15
CA LEU D 166 -5.06 -30.73 16.34
C LEU D 166 -5.57 -30.41 14.94
N HIS D 167 -5.63 -29.12 14.62
CA HIS D 167 -6.02 -28.67 13.29
C HIS D 167 -4.86 -28.90 12.31
N SER D 168 -5.16 -28.76 11.02
CA SER D 168 -4.16 -29.02 9.98
C SER D 168 -3.04 -27.98 9.96
N ASN D 169 -3.24 -26.81 10.57
CA ASN D 169 -2.18 -25.83 10.62
C ASN D 169 -1.08 -26.20 11.61
N GLY D 170 -1.37 -27.08 12.57
CA GLY D 170 -0.42 -27.47 13.58
C GLY D 170 -0.73 -26.98 14.98
N ASN D 171 -1.90 -26.38 15.20
CA ASN D 171 -2.29 -25.87 16.50
C ASN D 171 -3.31 -26.81 17.13
N THR D 172 -3.09 -27.17 18.39
CA THR D 172 -4.07 -27.91 19.17
C THR D 172 -4.75 -26.91 20.10
N TYR D 173 -6.03 -26.61 19.82
CA TYR D 173 -6.75 -25.58 20.54
C TYR D 173 -7.31 -26.16 21.83
N LEU D 174 -6.53 -26.06 22.91
CA LEU D 174 -6.97 -26.43 24.25
C LEU D 174 -6.61 -25.29 25.20
N TYR D 175 -7.55 -24.91 26.06
CA TYR D 175 -7.40 -23.74 26.92
C TYR D 175 -7.64 -24.15 28.37
N TRP D 176 -6.61 -24.01 29.20
CA TRP D 176 -6.65 -24.35 30.61
C TRP D 176 -6.97 -23.12 31.44
N PHE D 177 -7.78 -23.33 32.47
CA PHE D 177 -8.18 -22.26 33.37
C PHE D 177 -7.98 -22.71 34.81
N LEU D 178 -7.85 -21.73 35.70
CA LEU D 178 -7.70 -21.97 37.13
C LEU D 178 -8.64 -21.02 37.84
N GLN D 179 -9.65 -21.56 38.50
CA GLN D 179 -10.61 -20.78 39.25
C GLN D 179 -10.34 -21.02 40.74
N ARG D 180 -9.61 -20.09 41.36
CA ARG D 180 -9.39 -20.13 42.79
C ARG D 180 -10.72 -19.91 43.52
N PRO D 181 -10.89 -20.48 44.71
CA PRO D 181 -12.16 -20.34 45.43
C PRO D 181 -12.42 -18.90 45.85
N GLY D 182 -13.51 -18.34 45.36
CA GLY D 182 -13.91 -16.99 45.68
C GLY D 182 -13.57 -15.95 44.65
N GLN D 183 -12.97 -16.32 43.52
CA GLN D 183 -12.60 -15.36 42.50
C GLN D 183 -12.76 -15.98 41.11
N SER D 184 -12.47 -15.18 40.10
CA SER D 184 -12.76 -15.53 38.72
C SER D 184 -11.67 -16.44 38.14
N PRO D 185 -12.00 -17.24 37.12
CA PRO D 185 -10.97 -18.05 36.47
C PRO D 185 -10.03 -17.19 35.63
N GLN D 186 -8.84 -17.73 35.40
CA GLN D 186 -7.83 -17.05 34.64
C GLN D 186 -7.08 -18.07 33.79
N LEU D 187 -6.48 -17.58 32.71
CA LEU D 187 -5.82 -18.47 31.77
C LEU D 187 -4.49 -18.97 32.33
N LEU D 188 -4.20 -20.24 32.07
CA LEU D 188 -2.88 -20.82 32.32
C LEU D 188 -2.21 -21.24 31.03
N ILE D 189 -2.86 -22.08 30.24
CA ILE D 189 -2.30 -22.63 29.00
C ILE D 189 -3.25 -22.28 27.88
N TYR D 190 -2.76 -21.62 26.84
CA TYR D 190 -3.55 -21.36 25.64
C TYR D 190 -2.93 -22.10 24.47
N ARG D 191 -3.77 -22.82 23.73
CA ARG D 191 -3.37 -23.65 22.59
C ARG D 191 -2.33 -24.70 22.98
N MET D 192 -2.57 -25.35 24.13
CA MET D 192 -2.00 -26.64 24.54
C MET D 192 -0.54 -26.58 25.00
N SER D 193 0.15 -25.48 24.75
CA SER D 193 1.56 -25.42 25.14
C SER D 193 2.03 -24.10 25.72
N ASN D 194 1.29 -23.01 25.58
CA ASN D 194 1.82 -21.67 25.78
C ASN D 194 1.27 -21.06 27.06
N LEU D 195 2.18 -20.52 27.87
CA LEU D 195 1.79 -19.92 29.15
C LEU D 195 1.27 -18.51 28.95
N ALA D 196 0.21 -18.18 29.68
CA ALA D 196 -0.34 -16.82 29.62
C ALA D 196 0.55 -15.85 30.38
N SER D 197 0.25 -14.56 30.21
CA SER D 197 1.03 -13.53 30.87
C SER D 197 0.72 -13.49 32.37
N GLY D 198 1.78 -13.52 33.18
CA GLY D 198 1.64 -13.58 34.62
C GLY D 198 1.63 -14.98 35.20
N VAL D 199 1.63 -16.01 34.36
CA VAL D 199 1.59 -17.40 34.81
C VAL D 199 3.01 -17.88 35.09
N PRO D 200 3.28 -18.45 36.25
CA PRO D 200 4.64 -18.92 36.55
C PRO D 200 5.05 -20.09 35.66
N ASP D 201 6.37 -20.23 35.48
CA ASP D 201 6.93 -21.22 34.57
C ASP D 201 6.70 -22.65 35.05
N ARG D 202 6.30 -22.84 36.31
CA ARG D 202 6.06 -24.19 36.82
C ARG D 202 4.86 -24.84 36.18
N PHE D 203 3.87 -24.05 35.77
CA PHE D 203 2.77 -24.59 34.98
C PHE D 203 3.29 -24.96 33.59
N SER D 204 2.79 -26.07 33.06
CA SER D 204 3.19 -26.54 31.73
C SER D 204 2.18 -27.58 31.26
N GLY D 205 1.59 -27.33 30.09
CA GLY D 205 0.68 -28.27 29.46
C GLY D 205 1.36 -28.94 28.28
N SER D 206 1.17 -30.26 28.15
CA SER D 206 1.78 -31.01 27.08
C SER D 206 0.97 -32.28 26.84
N GLY D 207 1.17 -32.88 25.69
CA GLY D 207 0.46 -34.10 25.34
C GLY D 207 0.25 -34.17 23.83
N SER D 208 -0.85 -34.80 23.45
CA SER D 208 -1.20 -35.00 22.05
C SER D 208 -2.71 -34.96 21.92
N GLY D 209 -3.23 -35.46 20.81
CA GLY D 209 -4.66 -35.46 20.53
C GLY D 209 -5.50 -36.23 21.53
N THR D 210 -6.57 -35.61 22.01
CA THR D 210 -7.54 -36.18 22.96
C THR D 210 -6.87 -36.72 24.23
N ALA D 211 -5.76 -36.10 24.62
CA ALA D 211 -5.03 -36.52 25.81
C ALA D 211 -4.35 -35.26 26.37
N PHE D 212 -4.93 -34.71 27.43
CA PHE D 212 -4.55 -33.39 27.91
C PHE D 212 -4.10 -33.49 29.36
N THR D 213 -2.81 -33.28 29.60
CA THR D 213 -2.22 -33.32 30.93
C THR D 213 -1.58 -31.99 31.25
N LEU D 214 -1.95 -31.41 32.39
CA LEU D 214 -1.38 -30.16 32.87
C LEU D 214 -0.53 -30.47 34.11
N THR D 215 0.79 -30.42 33.93
CA THR D 215 1.73 -30.76 35.00
C THR D 215 2.14 -29.50 35.75
N ILE D 216 2.02 -29.54 37.07
CA ILE D 216 2.29 -28.37 37.92
C ILE D 216 3.41 -28.80 38.86
N SER D 217 4.65 -28.55 38.46
CA SER D 217 5.77 -28.82 39.35
C SER D 217 5.82 -27.77 40.46
N ARG D 218 6.26 -28.21 41.64
CA ARG D 218 6.42 -27.37 42.83
C ARG D 218 5.12 -26.65 43.20
N LEU D 219 4.13 -27.46 43.55
CA LEU D 219 2.81 -26.93 43.89
C LEU D 219 2.86 -26.12 45.17
N GLU D 220 2.19 -24.97 45.15
CA GLU D 220 2.10 -24.12 46.33
C GLU D 220 0.64 -23.87 46.68
N ALA D 221 0.38 -23.02 47.67
CA ALA D 221 -0.98 -22.78 48.13
C ALA D 221 -1.82 -21.97 47.16
N GLU D 222 -1.19 -21.38 46.14
CA GLU D 222 -1.94 -20.60 45.16
C GLU D 222 -2.55 -21.45 44.06
N ASP D 223 -2.24 -22.74 44.00
CA ASP D 223 -2.78 -23.64 43.00
C ASP D 223 -4.14 -24.22 43.39
N VAL D 224 -4.65 -23.88 44.57
CA VAL D 224 -5.90 -24.44 45.04
C VAL D 224 -7.04 -23.86 44.22
N GLY D 225 -7.82 -24.73 43.60
CA GLY D 225 -8.92 -24.30 42.77
C GLY D 225 -9.31 -25.40 41.80
N VAL D 226 -10.25 -25.07 40.92
CA VAL D 226 -10.80 -26.01 39.96
C VAL D 226 -10.20 -25.72 38.59
N TYR D 227 -9.74 -26.76 37.91
CA TYR D 227 -9.03 -26.63 36.64
C TYR D 227 -9.95 -27.07 35.51
N TYR D 228 -10.08 -26.22 34.48
CA TYR D 228 -11.04 -26.43 33.40
C TYR D 228 -10.32 -26.55 32.08
N CYS D 229 -10.69 -27.57 31.31
CA CYS D 229 -10.20 -27.74 29.95
C CYS D 229 -11.27 -27.23 29.00
N MET D 230 -10.86 -26.45 28.00
CA MET D 230 -11.79 -25.90 27.04
C MET D 230 -11.27 -26.17 25.65
N GLN D 231 -12.18 -26.40 24.72
CA GLN D 231 -11.82 -26.51 23.31
C GLN D 231 -12.16 -25.20 22.61
N HIS D 232 -11.43 -24.92 21.54
CA HIS D 232 -11.74 -23.77 20.71
C HIS D 232 -11.63 -24.13 19.23
N LEU D 233 -11.57 -25.42 18.91
CA LEU D 233 -11.43 -25.86 17.52
C LEU D 233 -12.66 -25.50 16.71
N GLU D 234 -13.83 -25.55 17.32
CA GLU D 234 -15.07 -25.21 16.65
C GLU D 234 -16.05 -24.65 17.68
N TYR D 235 -17.32 -24.60 17.33
CA TYR D 235 -18.36 -24.06 18.20
C TYR D 235 -19.48 -25.08 18.34
N PRO D 236 -20.18 -25.10 19.49
CA PRO D 236 -20.05 -24.26 20.69
C PRO D 236 -18.91 -24.66 21.60
N LEU D 237 -18.40 -23.72 22.38
CA LEU D 237 -17.28 -23.99 23.27
C LEU D 237 -17.76 -24.81 24.47
N THR D 238 -17.04 -25.87 24.80
CA THR D 238 -17.45 -26.78 25.85
C THR D 238 -16.34 -26.92 26.89
N PHE D 239 -16.72 -26.81 28.16
CA PHE D 239 -15.78 -26.95 29.27
C PHE D 239 -15.83 -28.36 29.84
N GLY D 240 -14.75 -28.75 30.52
CA GLY D 240 -14.71 -29.98 31.26
C GLY D 240 -15.49 -29.86 32.56
N ALA D 241 -15.59 -31.00 33.25
CA ALA D 241 -16.30 -31.01 34.53
C ALA D 241 -15.53 -30.23 35.59
N GLY D 242 -14.21 -30.33 35.57
CA GLY D 242 -13.37 -29.61 36.51
C GLY D 242 -12.77 -30.48 37.59
N THR D 243 -11.49 -30.29 37.87
CA THR D 243 -10.79 -31.02 38.92
C THR D 243 -10.47 -30.06 40.05
N LYS D 244 -11.08 -30.28 41.21
CA LYS D 244 -10.87 -29.42 42.36
C LYS D 244 -9.67 -29.93 43.16
N LEU D 245 -8.72 -29.04 43.41
CA LEU D 245 -7.49 -29.39 44.11
C LEU D 245 -7.53 -28.81 45.52
N GLU D 246 -7.28 -29.66 46.51
CA GLU D 246 -7.24 -29.23 47.90
C GLU D 246 -6.04 -29.88 48.58
N LEU D 247 -5.58 -29.25 49.65
CA LEU D 247 -4.41 -29.73 50.38
C LEU D 247 -4.80 -30.86 51.34
N MET E 237 -33.26 -7.81 -57.17
CA MET E 237 -32.00 -8.04 -57.87
C MET E 237 -30.83 -8.04 -56.90
N ILE E 238 -29.67 -7.54 -57.36
CA ILE E 238 -28.49 -7.47 -56.53
C ILE E 238 -28.42 -6.19 -55.70
N THR E 239 -29.48 -5.39 -55.69
CA THR E 239 -29.50 -4.20 -54.85
C THR E 239 -29.59 -4.58 -53.37
N ALA E 240 -30.40 -5.58 -53.05
CA ALA E 240 -30.52 -6.01 -51.65
C ALA E 240 -29.29 -6.76 -51.17
N ILE E 241 -28.46 -7.28 -52.09
CA ILE E 241 -27.20 -7.90 -51.70
C ILE E 241 -26.22 -6.85 -51.17
N THR E 242 -26.35 -5.60 -51.63
CA THR E 242 -25.53 -4.53 -51.10
C THR E 242 -25.85 -4.27 -49.63
N ILE E 243 -27.12 -4.39 -49.24
CA ILE E 243 -27.51 -4.21 -47.85
C ILE E 243 -26.97 -5.35 -46.99
N MET E 244 -27.05 -6.59 -47.48
CA MET E 244 -26.58 -7.74 -46.73
C MET E 244 -25.07 -7.67 -46.49
N ALA E 245 -24.31 -7.25 -47.50
CA ALA E 245 -22.88 -7.03 -47.32
C ALA E 245 -22.60 -5.84 -46.41
N LEU E 246 -23.53 -4.89 -46.31
CA LEU E 246 -23.32 -3.73 -45.44
C LEU E 246 -23.46 -4.11 -43.97
N TYR E 247 -24.49 -4.90 -43.64
CA TYR E 247 -24.63 -5.38 -42.27
C TYR E 247 -23.49 -6.29 -41.86
N SER E 248 -22.93 -7.04 -42.81
CA SER E 248 -21.88 -8.00 -42.48
C SER E 248 -20.57 -7.31 -42.16
N ILE E 249 -20.18 -6.30 -42.97
CA ILE E 249 -18.89 -5.65 -42.74
C ILE E 249 -18.94 -4.78 -41.49
N VAL E 250 -20.12 -4.26 -41.13
CA VAL E 250 -20.23 -3.49 -39.89
C VAL E 250 -20.08 -4.41 -38.68
N CYS E 251 -20.63 -5.63 -38.77
CA CYS E 251 -20.45 -6.59 -37.68
C CYS E 251 -19.03 -7.14 -37.62
N VAL E 252 -18.28 -7.08 -38.73
CA VAL E 252 -16.90 -7.53 -38.71
C VAL E 252 -16.04 -6.60 -37.87
N VAL E 253 -16.16 -5.28 -38.09
CA VAL E 253 -15.35 -4.31 -37.37
C VAL E 253 -16.01 -3.81 -36.09
N GLY E 254 -17.26 -4.18 -35.85
CA GLY E 254 -17.94 -3.78 -34.63
C GLY E 254 -17.76 -4.79 -33.52
N LEU E 255 -17.88 -6.08 -33.86
CA LEU E 255 -17.64 -7.12 -32.86
C LEU E 255 -16.16 -7.26 -32.54
N PHE E 256 -15.31 -7.28 -33.57
CA PHE E 256 -13.88 -7.44 -33.36
C PHE E 256 -13.24 -6.17 -32.81
N GLY E 257 -13.76 -5.00 -33.23
CA GLY E 257 -13.20 -3.75 -32.74
C GLY E 257 -13.42 -3.54 -31.26
N ASN E 258 -14.63 -3.86 -30.77
CA ASN E 258 -14.92 -3.72 -29.35
C ASN E 258 -14.29 -4.83 -28.53
N PHE E 259 -14.14 -6.03 -29.09
CA PHE E 259 -13.46 -7.10 -28.37
C PHE E 259 -11.96 -6.86 -28.27
N LEU E 260 -11.38 -6.08 -29.17
CA LEU E 260 -9.98 -5.70 -29.03
C LEU E 260 -9.78 -4.77 -27.84
N VAL E 261 -10.82 -4.00 -27.49
CA VAL E 261 -10.75 -3.14 -26.30
C VAL E 261 -10.76 -4.00 -25.03
N MET E 262 -11.58 -5.06 -25.01
CA MET E 262 -11.65 -5.94 -23.85
C MET E 262 -10.32 -6.64 -23.57
N TYR E 263 -9.66 -7.11 -24.63
CA TYR E 263 -8.40 -7.82 -24.45
C TYR E 263 -7.28 -6.90 -24.01
N VAL E 264 -7.33 -5.62 -24.42
CA VAL E 264 -6.29 -4.67 -24.03
C VAL E 264 -6.60 -4.00 -22.70
N ILE E 265 -7.81 -4.17 -22.18
CA ILE E 265 -8.18 -3.55 -20.91
C ILE E 265 -7.95 -4.47 -19.72
N VAL E 266 -7.62 -5.74 -19.95
CA VAL E 266 -7.31 -6.67 -18.87
C VAL E 266 -5.88 -7.22 -18.98
N ARG E 267 -5.42 -7.54 -20.19
CA ARG E 267 -4.11 -8.13 -20.37
C ARG E 267 -3.00 -7.10 -20.46
N TYR E 268 -3.29 -5.91 -20.98
CA TYR E 268 -2.28 -4.85 -21.09
C TYR E 268 -2.40 -3.87 -19.93
N THR E 269 -3.57 -3.28 -19.75
CA THR E 269 -3.86 -2.40 -18.62
C THR E 269 -4.88 -3.06 -17.71
N LYS E 270 -5.25 -2.36 -16.64
CA LYS E 270 -6.28 -2.82 -15.72
C LYS E 270 -7.38 -1.78 -15.60
N MET E 271 -8.42 -2.14 -14.86
CA MET E 271 -9.61 -1.30 -14.70
C MET E 271 -9.58 -0.52 -13.39
N LYS E 272 -8.39 -0.07 -12.99
CA LYS E 272 -8.21 0.63 -11.73
C LYS E 272 -8.69 2.08 -11.75
N THR E 273 -9.11 2.59 -12.91
CA THR E 273 -9.52 3.98 -13.05
C THR E 273 -10.96 4.08 -13.52
N ALA E 274 -11.57 5.23 -13.20
CA ALA E 274 -12.95 5.48 -13.59
C ALA E 274 -13.12 5.48 -15.10
N THR E 275 -12.19 6.10 -15.82
CA THR E 275 -12.27 6.12 -17.27
C THR E 275 -12.09 4.74 -17.88
N ASN E 276 -11.25 3.88 -17.28
CA ASN E 276 -11.10 2.53 -17.80
C ASN E 276 -12.37 1.71 -17.59
N ILE E 277 -13.01 1.89 -16.43
CA ILE E 277 -14.28 1.22 -16.16
C ILE E 277 -15.34 1.68 -17.16
N TYR E 278 -15.39 2.99 -17.43
CA TYR E 278 -16.37 3.52 -18.38
C TYR E 278 -16.11 3.01 -19.80
N ILE E 279 -14.83 2.92 -20.20
CA ILE E 279 -14.49 2.40 -21.52
C ILE E 279 -14.92 0.94 -21.65
N PHE E 280 -14.67 0.14 -20.61
CA PHE E 280 -15.07 -1.26 -20.64
C PHE E 280 -16.60 -1.42 -20.71
N ASN E 281 -17.33 -0.60 -19.96
CA ASN E 281 -18.78 -0.64 -20.02
C ASN E 281 -19.31 -0.26 -21.40
N LEU E 282 -18.71 0.77 -22.00
CA LEU E 282 -19.10 1.17 -23.36
C LEU E 282 -18.81 0.08 -24.37
N ALA E 283 -17.68 -0.62 -24.20
CA ALA E 283 -17.37 -1.72 -25.10
C ALA E 283 -18.36 -2.87 -24.96
N LEU E 284 -18.77 -3.18 -23.72
CA LEU E 284 -19.80 -4.20 -23.51
C LEU E 284 -21.11 -3.81 -24.17
N ALA E 285 -21.53 -2.55 -23.98
CA ALA E 285 -22.77 -2.07 -24.59
C ALA E 285 -22.71 -2.16 -26.11
N ASP E 286 -21.57 -1.78 -26.69
CA ASP E 286 -21.43 -1.79 -28.15
C ASP E 286 -21.42 -3.21 -28.70
N ALA E 287 -20.68 -4.12 -28.06
CA ALA E 287 -20.63 -5.49 -28.54
C ALA E 287 -21.99 -6.18 -28.43
N LEU E 288 -22.69 -5.97 -27.31
CA LEU E 288 -24.02 -6.57 -27.16
C LEU E 288 -25.04 -5.93 -28.09
N ALA E 289 -24.83 -4.66 -28.48
CA ALA E 289 -25.73 -4.04 -29.45
C ALA E 289 -25.44 -4.53 -30.86
N THR E 290 -24.19 -4.82 -31.18
CA THR E 290 -23.81 -5.28 -32.51
C THR E 290 -23.89 -6.79 -32.66
N SER E 291 -24.26 -7.52 -31.61
CA SER E 291 -24.38 -8.98 -31.72
C SER E 291 -25.55 -9.44 -32.57
N THR E 292 -26.58 -8.60 -32.74
CA THR E 292 -27.80 -9.00 -33.45
C THR E 292 -27.71 -8.84 -34.96
N LEU E 293 -26.59 -8.30 -35.46
CA LEU E 293 -26.46 -8.00 -36.88
C LEU E 293 -26.62 -9.21 -37.81
N PRO E 294 -26.04 -10.39 -37.55
CA PRO E 294 -26.39 -11.54 -38.41
C PRO E 294 -27.86 -11.90 -38.38
N PHE E 295 -28.52 -11.74 -37.23
CA PHE E 295 -29.94 -12.10 -37.12
C PHE E 295 -30.81 -11.20 -37.99
N GLN E 296 -30.67 -9.88 -37.85
CA GLN E 296 -31.49 -9.03 -38.70
C GLN E 296 -31.01 -9.00 -40.15
N SER E 297 -29.73 -9.30 -40.42
CA SER E 297 -29.26 -9.38 -41.80
C SER E 297 -29.88 -10.58 -42.52
N VAL E 298 -29.93 -11.75 -41.87
CA VAL E 298 -30.59 -12.88 -42.52
C VAL E 298 -32.10 -12.69 -42.54
N ASN E 299 -32.65 -11.93 -41.58
CA ASN E 299 -34.06 -11.60 -41.61
C ASN E 299 -34.41 -10.80 -42.86
N TYR E 300 -33.60 -9.79 -43.17
CA TYR E 300 -33.82 -9.05 -44.42
C TYR E 300 -33.48 -9.90 -45.65
N LEU E 301 -32.52 -10.81 -45.52
CA LEU E 301 -32.10 -11.63 -46.65
C LEU E 301 -33.21 -12.55 -47.13
N MET E 302 -33.85 -13.28 -46.21
CA MET E 302 -34.91 -14.21 -46.61
C MET E 302 -36.29 -13.72 -46.19
N GLY E 303 -36.45 -12.43 -45.90
CA GLY E 303 -37.74 -11.77 -45.91
C GLY E 303 -38.70 -12.15 -44.80
N THR E 304 -38.28 -12.95 -43.83
CA THR E 304 -39.17 -13.40 -42.77
C THR E 304 -38.31 -13.78 -41.58
N TRP E 305 -38.96 -13.96 -40.43
CA TRP E 305 -38.25 -14.30 -39.19
C TRP E 305 -38.43 -15.78 -38.88
N PRO E 306 -37.41 -16.62 -39.09
CA PRO E 306 -37.54 -18.06 -38.83
C PRO E 306 -36.97 -18.53 -37.49
N PHE E 307 -36.51 -17.64 -36.62
CA PHE E 307 -35.72 -18.06 -35.47
C PHE E 307 -36.60 -18.52 -34.31
N GLY E 308 -37.41 -17.62 -33.77
CA GLY E 308 -38.23 -17.96 -32.61
C GLY E 308 -38.74 -16.75 -31.87
N THR E 309 -39.87 -16.89 -31.18
CA THR E 309 -40.53 -15.74 -30.57
C THR E 309 -39.72 -15.16 -29.41
N ILE E 310 -39.25 -16.00 -28.49
CA ILE E 310 -38.47 -15.50 -27.37
C ILE E 310 -37.08 -15.06 -27.85
N LEU E 311 -36.56 -15.68 -28.91
CA LEU E 311 -35.26 -15.29 -29.45
C LEU E 311 -35.32 -13.88 -30.03
N CYS E 312 -36.34 -13.58 -30.83
CA CYS E 312 -36.44 -12.21 -31.33
C CYS E 312 -36.90 -11.24 -30.26
N LYS E 313 -37.60 -11.73 -29.23
CA LYS E 313 -37.91 -10.88 -28.08
C LYS E 313 -36.63 -10.40 -27.40
N ILE E 314 -35.70 -11.33 -27.14
CA ILE E 314 -34.45 -10.90 -26.52
C ILE E 314 -33.56 -10.14 -27.50
N VAL E 315 -33.69 -10.37 -28.81
CA VAL E 315 -32.93 -9.57 -29.77
C VAL E 315 -33.39 -8.12 -29.77
N ILE E 316 -34.71 -7.90 -29.82
CA ILE E 316 -35.25 -6.54 -29.80
C ILE E 316 -34.96 -5.87 -28.47
N SER E 317 -35.10 -6.61 -27.36
CA SER E 317 -34.80 -6.05 -26.06
C SER E 317 -33.32 -5.72 -25.92
N ILE E 318 -32.45 -6.57 -26.45
CA ILE E 318 -31.02 -6.35 -26.25
C ILE E 318 -30.54 -5.19 -27.12
N ASP E 319 -31.14 -4.99 -28.31
CA ASP E 319 -30.67 -3.89 -29.14
C ASP E 319 -31.42 -2.59 -28.89
N TYR E 320 -32.44 -2.59 -28.02
CA TYR E 320 -32.86 -1.30 -27.46
C TYR E 320 -32.07 -1.00 -26.19
N TYR E 321 -31.92 -2.00 -25.33
CA TYR E 321 -31.30 -1.84 -24.03
C TYR E 321 -29.84 -1.45 -24.15
N ASN E 322 -29.13 -2.02 -25.12
CA ASN E 322 -27.73 -1.70 -25.23
C ASN E 322 -27.49 -0.38 -25.93
N MET E 323 -28.42 0.05 -26.80
CA MET E 323 -28.39 1.43 -27.26
C MET E 323 -28.53 2.39 -26.10
N PHE E 324 -29.47 2.09 -25.18
CA PHE E 324 -29.65 2.96 -24.01
C PHE E 324 -28.41 2.98 -23.12
N THR E 325 -27.81 1.81 -22.87
CA THR E 325 -26.61 1.76 -22.01
C THR E 325 -25.44 2.49 -22.67
N SER E 326 -25.27 2.34 -23.99
CA SER E 326 -24.17 3.01 -24.68
C SER E 326 -24.33 4.52 -24.64
N ILE E 327 -25.54 5.02 -24.92
CA ILE E 327 -25.75 6.46 -24.92
C ILE E 327 -25.62 7.02 -23.51
N PHE E 328 -26.10 6.28 -22.51
CA PHE E 328 -26.00 6.76 -21.14
C PHE E 328 -24.58 6.71 -20.62
N THR E 329 -23.76 5.75 -21.07
CA THR E 329 -22.38 5.76 -20.62
C THR E 329 -21.57 6.83 -21.33
N LEU E 330 -21.95 7.20 -22.55
CA LEU E 330 -21.33 8.37 -23.17
C LEU E 330 -21.69 9.65 -22.42
N CYS E 331 -22.95 9.77 -22.02
CA CYS E 331 -23.37 10.92 -21.23
C CYS E 331 -22.65 10.99 -19.89
N THR E 332 -22.49 9.84 -19.22
CA THR E 332 -21.83 9.87 -17.92
C THR E 332 -20.32 10.04 -18.06
N MET E 333 -19.74 9.66 -19.20
CA MET E 333 -18.34 9.96 -19.43
C MET E 333 -18.14 11.45 -19.68
N SER E 334 -19.09 12.08 -20.38
CA SER E 334 -19.03 13.52 -20.57
C SER E 334 -19.14 14.26 -19.24
N VAL E 335 -20.05 13.82 -18.37
CA VAL E 335 -20.18 14.47 -17.05
C VAL E 335 -18.92 14.21 -16.21
N ASP E 336 -18.32 13.02 -16.33
CA ASP E 336 -17.08 12.73 -15.63
C ASP E 336 -15.94 13.63 -16.07
N ARG E 337 -15.80 13.84 -17.38
CA ARG E 337 -14.75 14.73 -17.87
C ARG E 337 -15.01 16.18 -17.49
N TYR E 338 -16.27 16.61 -17.54
CA TYR E 338 -16.60 17.98 -17.12
C TYR E 338 -16.30 18.19 -15.64
N ILE E 339 -16.61 17.20 -14.79
CA ILE E 339 -16.31 17.32 -13.38
C ILE E 339 -14.80 17.32 -13.16
N ALA E 340 -14.07 16.55 -13.97
CA ALA E 340 -12.62 16.50 -13.86
C ALA E 340 -11.97 17.84 -14.18
N VAL E 341 -12.46 18.53 -15.20
CA VAL E 341 -11.81 19.76 -15.64
C VAL E 341 -12.35 21.00 -14.92
N CYS E 342 -13.68 21.14 -14.81
CA CYS E 342 -14.23 22.38 -14.29
C CYS E 342 -14.36 22.43 -12.78
N HIS E 343 -14.43 21.29 -12.10
CA HIS E 343 -14.58 21.24 -10.64
C HIS E 343 -13.56 20.26 -10.08
N PRO E 344 -12.29 20.68 -9.98
CA PRO E 344 -11.25 19.72 -9.58
C PRO E 344 -11.28 19.35 -8.12
N VAL E 345 -11.65 20.29 -7.25
CA VAL E 345 -11.73 20.04 -5.81
C VAL E 345 -12.79 18.98 -5.52
N LYS E 346 -13.96 19.09 -6.15
CA LYS E 346 -14.97 18.05 -5.98
C LYS E 346 -14.65 16.79 -6.77
N ALA E 347 -13.88 16.92 -7.85
CA ALA E 347 -13.50 15.74 -8.62
C ALA E 347 -12.52 14.87 -7.85
N LEU E 348 -11.77 15.47 -6.92
CA LEU E 348 -10.84 14.71 -6.09
C LEU E 348 -11.55 13.65 -5.26
N ASP E 349 -12.70 13.99 -4.67
CA ASP E 349 -13.45 13.05 -3.84
C ASP E 349 -14.72 12.54 -4.52
N PHE E 350 -14.94 12.84 -5.79
CA PHE E 350 -16.00 12.18 -6.54
C PHE E 350 -15.50 11.18 -7.56
N ARG E 351 -14.38 11.46 -8.23
CA ARG E 351 -13.87 10.58 -9.30
C ARG E 351 -13.03 9.47 -8.68
N THR E 352 -13.73 8.46 -8.19
CA THR E 352 -13.12 7.29 -7.57
C THR E 352 -13.66 6.03 -8.23
N PRO E 353 -12.87 4.94 -8.25
CA PRO E 353 -13.34 3.71 -8.92
C PRO E 353 -14.61 3.12 -8.34
N ARG E 354 -14.83 3.21 -7.03
CA ARG E 354 -16.07 2.70 -6.44
C ARG E 354 -17.27 3.53 -6.89
N ASN E 355 -17.11 4.85 -6.95
CA ASN E 355 -18.19 5.71 -7.42
C ASN E 355 -18.48 5.48 -8.89
N ALA E 356 -17.43 5.25 -9.70
CA ALA E 356 -17.64 4.92 -11.10
C ALA E 356 -18.35 3.58 -11.25
N LYS E 357 -17.99 2.60 -10.40
CA LYS E 357 -18.66 1.31 -10.41
C LYS E 357 -20.14 1.45 -10.13
N ILE E 358 -20.49 2.20 -9.08
CA ILE E 358 -21.91 2.31 -8.75
C ILE E 358 -22.65 3.17 -9.77
N ILE E 359 -21.96 4.12 -10.41
CA ILE E 359 -22.60 4.93 -11.45
C ILE E 359 -22.95 4.08 -12.67
N ASN E 360 -22.01 3.25 -13.12
CA ASN E 360 -22.36 2.43 -14.28
C ASN E 360 -23.31 1.29 -13.92
N VAL E 361 -23.29 0.82 -12.67
CA VAL E 361 -24.27 -0.17 -12.24
C VAL E 361 -25.68 0.42 -12.27
N CYS E 362 -25.86 1.62 -11.70
CA CYS E 362 -27.17 2.24 -11.75
C CYS E 362 -27.55 2.66 -13.16
N ASN E 363 -26.56 2.90 -14.03
CA ASN E 363 -26.84 3.18 -15.43
C ASN E 363 -27.43 1.96 -16.13
N TRP E 364 -26.81 0.79 -15.95
CA TRP E 364 -27.35 -0.42 -16.55
C TRP E 364 -28.69 -0.82 -15.93
N ILE E 365 -28.89 -0.53 -14.64
CA ILE E 365 -30.18 -0.80 -14.02
C ILE E 365 -31.27 0.09 -14.60
N LEU E 366 -30.98 1.39 -14.76
CA LEU E 366 -31.94 2.32 -15.31
C LEU E 366 -32.27 2.00 -16.77
N SER E 367 -31.27 1.56 -17.54
CA SER E 367 -31.54 1.17 -18.92
C SER E 367 -32.29 -0.16 -18.99
N SER E 368 -32.06 -1.05 -18.03
CA SER E 368 -32.84 -2.28 -17.97
C SER E 368 -34.30 -1.98 -17.64
N ALA E 369 -34.54 -0.91 -16.89
CA ALA E 369 -35.90 -0.48 -16.57
C ALA E 369 -36.71 -0.06 -17.79
N ILE E 370 -36.05 0.22 -18.93
CA ILE E 370 -36.76 0.45 -20.17
C ILE E 370 -36.52 -0.67 -21.19
N GLY E 371 -35.50 -1.52 -20.99
CA GLY E 371 -35.29 -2.63 -21.89
C GLY E 371 -36.15 -3.84 -21.59
N LEU E 372 -36.63 -3.97 -20.34
CA LEU E 372 -37.52 -5.08 -19.96
C LEU E 372 -38.99 -4.92 -20.40
N PRO E 373 -39.61 -3.73 -20.37
CA PRO E 373 -40.96 -3.64 -20.96
C PRO E 373 -41.01 -3.97 -22.43
N VAL E 374 -39.92 -3.78 -23.16
CA VAL E 374 -39.85 -4.22 -24.55
C VAL E 374 -39.93 -5.75 -24.63
N MET E 375 -39.24 -6.44 -23.72
CA MET E 375 -39.35 -7.90 -23.66
C MET E 375 -40.75 -8.34 -23.27
N PHE E 376 -41.36 -7.66 -22.31
CA PHE E 376 -42.71 -8.02 -21.89
C PHE E 376 -43.78 -7.49 -22.84
N MET E 377 -43.38 -6.81 -23.92
CA MET E 377 -44.32 -6.24 -24.87
C MET E 377 -44.18 -6.81 -26.28
N ALA E 378 -43.07 -7.45 -26.61
CA ALA E 378 -42.85 -7.93 -27.97
C ALA E 378 -43.49 -9.30 -28.17
N THR E 379 -43.95 -9.54 -29.40
CA THR E 379 -44.60 -10.78 -29.76
C THR E 379 -44.39 -11.01 -31.25
N THR E 380 -44.74 -12.20 -31.72
CA THR E 380 -44.53 -12.59 -33.11
C THR E 380 -45.87 -12.57 -33.85
N LYS E 381 -45.90 -11.85 -34.97
CA LYS E 381 -47.08 -11.70 -35.80
C LYS E 381 -46.86 -12.40 -37.14
N TYR E 382 -47.95 -12.89 -37.72
CA TYR E 382 -47.94 -13.47 -39.06
C TYR E 382 -48.81 -12.61 -39.96
N ARG E 383 -48.18 -11.86 -40.88
CA ARG E 383 -48.89 -11.01 -41.81
C ARG E 383 -48.57 -11.43 -43.24
N GLN E 384 -49.61 -11.56 -44.07
CA GLN E 384 -49.52 -11.86 -45.50
C GLN E 384 -48.78 -13.17 -45.77
N GLY E 385 -48.89 -14.14 -44.88
CA GLY E 385 -48.23 -15.41 -45.04
C GLY E 385 -46.78 -15.45 -44.62
N SER E 386 -46.21 -14.33 -44.21
CA SER E 386 -44.85 -14.26 -43.72
C SER E 386 -44.85 -14.04 -42.21
N ILE E 387 -43.65 -14.08 -41.63
CA ILE E 387 -43.47 -13.96 -40.18
C ILE E 387 -42.58 -12.75 -39.91
N ASP E 388 -43.03 -11.90 -38.98
CA ASP E 388 -42.22 -10.77 -38.53
C ASP E 388 -42.66 -10.44 -37.11
N CYS E 389 -41.69 -10.05 -36.28
CA CYS E 389 -41.98 -9.89 -34.84
C CYS E 389 -41.48 -8.55 -34.34
N THR E 390 -41.86 -7.49 -35.02
CA THR E 390 -41.82 -6.19 -34.38
C THR E 390 -42.80 -6.16 -33.21
N LEU E 391 -42.45 -5.41 -32.18
CA LEU E 391 -43.23 -5.42 -30.95
C LEU E 391 -44.60 -4.79 -31.16
N THR E 392 -45.63 -5.42 -30.59
CA THR E 392 -46.98 -4.91 -30.61
C THR E 392 -47.33 -4.31 -29.25
N PHE E 393 -48.42 -3.56 -29.22
CA PHE E 393 -48.78 -2.75 -28.07
C PHE E 393 -50.11 -3.22 -27.49
N SER E 394 -50.62 -2.43 -26.55
CA SER E 394 -51.90 -2.70 -25.92
C SER E 394 -53.03 -2.23 -26.85
N HIS E 395 -54.25 -2.18 -26.32
CA HIS E 395 -55.38 -1.69 -27.12
C HIS E 395 -55.24 -0.24 -27.58
N PRO E 396 -54.72 0.74 -26.77
CA PRO E 396 -54.39 2.03 -27.41
C PRO E 396 -53.09 1.98 -28.20
N THR E 397 -53.20 1.48 -29.43
CA THR E 397 -52.01 1.21 -30.26
C THR E 397 -51.30 2.50 -30.64
N TRP E 398 -52.04 3.48 -31.16
CA TRP E 398 -51.42 4.73 -31.60
C TRP E 398 -50.88 5.53 -30.43
N TYR E 399 -51.59 5.51 -29.30
CA TYR E 399 -51.12 6.22 -28.11
C TYR E 399 -49.84 5.61 -27.57
N TRP E 400 -49.76 4.28 -27.53
CA TRP E 400 -48.56 3.62 -27.02
C TRP E 400 -47.39 3.77 -28.00
N GLU E 401 -47.67 3.73 -29.31
CA GLU E 401 -46.65 3.99 -30.32
C GLU E 401 -46.07 5.38 -30.16
N ASN E 402 -46.94 6.40 -30.07
CA ASN E 402 -46.48 7.77 -29.92
C ASN E 402 -45.73 7.98 -28.62
N LEU E 403 -46.21 7.38 -27.52
CA LEU E 403 -45.55 7.55 -26.23
C LEU E 403 -44.16 6.94 -26.22
N LEU E 404 -44.03 5.70 -26.73
CA LEU E 404 -42.72 5.06 -26.75
C LEU E 404 -41.77 5.78 -27.68
N LYS E 405 -42.24 6.19 -28.87
CA LYS E 405 -41.35 6.86 -29.82
C LYS E 405 -40.93 8.24 -29.31
N ILE E 406 -41.86 8.99 -28.71
CA ILE E 406 -41.53 10.29 -28.15
C ILE E 406 -40.56 10.14 -26.99
N CYS E 407 -40.74 9.12 -26.14
CA CYS E 407 -39.80 8.91 -25.04
C CYS E 407 -38.40 8.56 -25.56
N VAL E 408 -38.31 7.55 -26.42
CA VAL E 408 -37.00 7.08 -26.90
C VAL E 408 -36.33 8.10 -27.80
N PHE E 409 -37.09 9.02 -28.42
CA PHE E 409 -36.46 10.10 -29.15
C PHE E 409 -36.05 11.22 -28.21
N ILE E 410 -37.04 11.83 -27.54
CA ILE E 410 -36.82 13.05 -26.77
C ILE E 410 -35.79 12.81 -25.67
N PHE E 411 -36.05 11.84 -24.79
CA PHE E 411 -35.17 11.60 -23.66
C PHE E 411 -33.78 11.19 -24.14
N ALA E 412 -33.68 10.01 -24.73
CA ALA E 412 -32.40 9.41 -25.07
C ALA E 412 -31.76 9.99 -26.33
N PHE E 413 -32.26 11.10 -26.89
CA PHE E 413 -31.45 11.80 -27.88
C PHE E 413 -31.28 13.28 -27.56
N ILE E 414 -32.35 13.98 -27.17
CA ILE E 414 -32.21 15.40 -26.87
C ILE E 414 -31.44 15.59 -25.57
N MET E 415 -31.75 14.80 -24.53
CA MET E 415 -31.01 14.94 -23.27
C MET E 415 -29.53 14.63 -23.40
N PRO E 416 -29.08 13.54 -24.05
CA PRO E 416 -27.63 13.34 -24.13
C PRO E 416 -26.93 14.31 -25.04
N VAL E 417 -27.55 14.76 -26.13
CA VAL E 417 -26.95 15.79 -26.98
C VAL E 417 -26.74 17.07 -26.18
N LEU E 418 -27.79 17.50 -25.47
CA LEU E 418 -27.71 18.71 -24.67
C LEU E 418 -26.66 18.59 -23.58
N ILE E 419 -26.64 17.46 -22.87
CA ILE E 419 -25.67 17.27 -21.79
C ILE E 419 -24.24 17.24 -22.34
N ILE E 420 -24.01 16.48 -23.41
CA ILE E 420 -22.66 16.33 -23.93
C ILE E 420 -22.16 17.66 -24.52
N THR E 421 -23.04 18.45 -25.14
CA THR E 421 -22.60 19.72 -25.71
C THR E 421 -22.33 20.74 -24.61
N VAL E 422 -23.21 20.86 -23.62
CA VAL E 422 -22.98 21.87 -22.59
C VAL E 422 -21.77 21.51 -21.74
N CYS E 423 -21.56 20.21 -21.47
CA CYS E 423 -20.43 19.82 -20.64
C CYS E 423 -19.12 19.96 -21.39
N TYR E 424 -19.07 19.51 -22.65
CA TYR E 424 -17.84 19.67 -23.42
C TYR E 424 -17.56 21.14 -23.76
N GLY E 425 -18.59 21.95 -23.95
CA GLY E 425 -18.37 23.37 -24.18
C GLY E 425 -17.81 24.08 -22.96
N LEU E 426 -18.36 23.78 -21.77
CA LEU E 426 -17.80 24.37 -20.56
C LEU E 426 -16.39 23.87 -20.27
N MET E 427 -16.12 22.61 -20.61
CA MET E 427 -14.77 22.07 -20.49
C MET E 427 -13.79 22.78 -21.43
N ILE E 428 -14.21 23.06 -22.67
CA ILE E 428 -13.35 23.78 -23.60
C ILE E 428 -13.12 25.22 -23.13
N LEU E 429 -14.14 25.85 -22.55
CA LEU E 429 -13.96 27.19 -21.97
C LEU E 429 -12.92 27.19 -20.85
N ARG E 430 -13.03 26.20 -19.94
CA ARG E 430 -12.07 26.16 -18.84
C ARG E 430 -10.66 25.82 -19.32
N LEU E 431 -10.54 24.96 -20.35
CA LEU E 431 -9.23 24.66 -20.88
C LEU E 431 -8.66 25.82 -21.70
N LYS E 432 -9.51 26.69 -22.23
CA LYS E 432 -9.01 27.95 -22.75
C LYS E 432 -8.46 28.81 -21.63
N SER E 433 -9.16 28.82 -20.49
CA SER E 433 -8.73 29.63 -19.36
C SER E 433 -7.46 29.12 -18.67
N VAL E 434 -7.16 27.83 -18.78
CA VAL E 434 -6.05 27.25 -18.00
C VAL E 434 -4.71 27.73 -18.56
N ARG E 435 -3.69 27.72 -17.68
CA ARG E 435 -2.37 28.24 -17.98
C ARG E 435 -1.46 27.23 -18.64
N MET E 436 -1.67 25.94 -18.37
CA MET E 436 -0.79 24.91 -18.94
C MET E 436 -1.04 24.71 -20.43
N LEU E 437 -2.25 25.01 -20.91
CA LEU E 437 -2.62 24.77 -22.30
C LEU E 437 -2.71 26.05 -23.11
N SER E 438 -2.05 27.12 -22.67
CA SER E 438 -2.02 28.35 -23.45
C SER E 438 -0.74 29.12 -23.10
N GLY E 439 -0.29 29.93 -24.06
CA GLY E 439 0.89 30.76 -23.91
C GLY E 439 2.01 30.40 -24.85
N SER E 440 2.20 29.11 -25.13
CA SER E 440 3.27 28.64 -25.99
C SER E 440 2.69 27.89 -27.18
N LYS E 441 3.57 27.60 -28.15
CA LYS E 441 3.14 26.87 -29.34
C LYS E 441 2.69 25.45 -28.99
N GLU E 442 3.42 24.77 -28.11
CA GLU E 442 3.06 23.40 -27.75
C GLU E 442 1.81 23.36 -26.89
N LYS E 443 1.64 24.36 -26.02
CA LYS E 443 0.42 24.45 -25.22
C LYS E 443 -0.80 24.72 -26.08
N ASP E 444 -0.66 25.62 -27.06
CA ASP E 444 -1.74 25.87 -28.02
C ASP E 444 -2.03 24.62 -28.84
N ARG E 445 -0.99 23.86 -29.18
CA ARG E 445 -1.18 22.61 -29.92
C ARG E 445 -1.93 21.57 -29.09
N ASN E 446 -1.61 21.47 -27.79
CA ASN E 446 -2.33 20.56 -26.91
C ASN E 446 -3.80 20.94 -26.79
N LEU E 447 -4.07 22.25 -26.64
CA LEU E 447 -5.46 22.72 -26.59
C LEU E 447 -6.17 22.44 -27.90
N ARG E 448 -5.46 22.61 -29.02
CA ARG E 448 -6.02 22.31 -30.34
C ARG E 448 -6.39 20.84 -30.47
N ARG E 449 -5.51 19.95 -30.00
CA ARG E 449 -5.79 18.51 -30.10
C ARG E 449 -6.98 18.12 -29.21
N ILE E 450 -7.06 18.68 -28.01
CA ILE E 450 -8.18 18.35 -27.12
C ILE E 450 -9.49 18.89 -27.70
N THR E 451 -9.48 20.11 -28.23
CA THR E 451 -10.68 20.66 -28.85
C THR E 451 -11.08 19.84 -30.07
N ARG E 452 -10.08 19.34 -30.83
CA ARG E 452 -10.36 18.51 -32.00
C ARG E 452 -11.01 17.19 -31.61
N MET E 453 -10.51 16.55 -30.55
CA MET E 453 -11.12 15.27 -30.16
C MET E 453 -12.52 15.47 -29.58
N VAL E 454 -12.74 16.56 -28.84
CA VAL E 454 -14.08 16.84 -28.30
C VAL E 454 -15.06 17.11 -29.44
N LEU E 455 -14.63 17.93 -30.41
CA LEU E 455 -15.50 18.26 -31.54
C LEU E 455 -15.80 17.04 -32.39
N VAL E 456 -14.81 16.17 -32.61
CA VAL E 456 -15.09 14.99 -33.43
C VAL E 456 -15.98 14.02 -32.68
N VAL E 457 -15.89 13.96 -31.35
CA VAL E 457 -16.79 13.11 -30.57
C VAL E 457 -18.23 13.59 -30.71
N VAL E 458 -18.45 14.89 -30.50
CA VAL E 458 -19.81 15.45 -30.59
C VAL E 458 -20.35 15.31 -32.01
N ALA E 459 -19.52 15.61 -33.00
CA ALA E 459 -19.96 15.57 -34.39
C ALA E 459 -20.26 14.15 -34.85
N VAL E 460 -19.45 13.16 -34.45
CA VAL E 460 -19.71 11.79 -34.84
C VAL E 460 -21.00 11.28 -34.20
N PHE E 461 -21.20 11.58 -32.91
CA PHE E 461 -22.43 11.16 -32.24
C PHE E 461 -23.65 11.79 -32.88
N ILE E 462 -23.58 13.07 -33.24
CA ILE E 462 -24.74 13.74 -33.83
C ILE E 462 -24.99 13.21 -35.25
N VAL E 463 -23.94 13.10 -36.06
CA VAL E 463 -24.12 12.68 -37.45
C VAL E 463 -24.54 11.21 -37.53
N CYS E 464 -24.35 10.45 -36.46
CA CYS E 464 -24.81 9.06 -36.49
C CYS E 464 -26.17 8.83 -35.84
N TRP E 465 -26.55 9.59 -34.82
CA TRP E 465 -27.87 9.39 -34.21
C TRP E 465 -28.90 10.44 -34.62
N THR E 466 -28.57 11.34 -35.54
CA THR E 466 -29.57 12.20 -36.17
C THR E 466 -30.39 11.53 -37.28
N PRO E 467 -29.79 10.88 -38.29
CA PRO E 467 -30.62 10.46 -39.43
C PRO E 467 -31.66 9.40 -39.10
N ILE E 468 -31.28 8.37 -38.33
CA ILE E 468 -32.22 7.30 -38.02
C ILE E 468 -33.32 7.82 -37.08
N HIS E 469 -32.98 8.72 -36.16
CA HIS E 469 -33.99 9.27 -35.27
C HIS E 469 -35.00 10.14 -36.02
N ILE E 470 -34.50 11.01 -36.92
CA ILE E 470 -35.41 11.86 -37.69
C ILE E 470 -36.25 11.02 -38.64
N TYR E 471 -35.66 9.95 -39.20
CA TYR E 471 -36.39 9.06 -40.09
C TYR E 471 -37.51 8.32 -39.35
N VAL E 472 -37.22 7.82 -38.15
CA VAL E 472 -38.23 7.14 -37.36
C VAL E 472 -39.35 8.11 -36.96
N ILE E 473 -38.96 9.35 -36.63
CA ILE E 473 -39.96 10.35 -36.23
C ILE E 473 -40.87 10.71 -37.39
N ILE E 474 -40.31 10.93 -38.59
CA ILE E 474 -41.17 11.30 -39.71
C ILE E 474 -41.98 10.10 -40.20
N LYS E 475 -41.48 8.88 -40.00
CA LYS E 475 -42.26 7.70 -40.35
C LYS E 475 -43.44 7.54 -39.40
N ALA E 476 -43.25 7.88 -38.12
CA ALA E 476 -44.39 7.85 -37.19
C ALA E 476 -45.36 8.99 -37.48
N LEU E 477 -44.86 10.14 -37.91
CA LEU E 477 -45.73 11.29 -38.16
C LEU E 477 -46.57 11.08 -39.42
N VAL E 478 -45.95 10.65 -40.52
CA VAL E 478 -46.63 10.56 -41.80
C VAL E 478 -46.23 9.23 -42.46
N THR E 479 -47.09 8.76 -43.36
CA THR E 479 -46.85 7.51 -44.07
C THR E 479 -45.93 7.74 -45.26
N ILE E 480 -44.95 6.85 -45.42
CA ILE E 480 -43.94 6.96 -46.48
C ILE E 480 -44.17 5.80 -47.46
N PRO E 481 -44.16 6.05 -48.77
CA PRO E 481 -44.31 4.95 -49.73
C PRO E 481 -43.10 4.02 -49.72
N GLU E 482 -43.37 2.75 -50.00
CA GLU E 482 -42.36 1.71 -49.96
C GLU E 482 -41.70 1.59 -51.34
N THR E 483 -40.38 1.70 -51.37
CA THR E 483 -39.62 1.60 -52.62
C THR E 483 -38.20 1.19 -52.28
N THR E 484 -37.41 0.95 -53.34
CA THR E 484 -36.02 0.53 -53.17
C THR E 484 -35.20 1.61 -52.47
N PHE E 485 -35.37 2.86 -52.85
CA PHE E 485 -34.64 3.96 -52.21
C PHE E 485 -35.03 4.10 -50.74
N GLN E 486 -36.33 3.96 -50.45
CA GLN E 486 -36.81 4.02 -49.06
C GLN E 486 -36.19 2.91 -48.21
N THR E 487 -36.17 1.69 -48.76
CA THR E 487 -35.63 0.54 -48.02
C THR E 487 -34.13 0.69 -47.78
N VAL E 488 -33.37 1.06 -48.83
CA VAL E 488 -31.94 1.19 -48.66
C VAL E 488 -31.58 2.40 -47.81
N SER E 489 -32.43 3.43 -47.75
CA SER E 489 -32.16 4.54 -46.86
C SER E 489 -32.39 4.16 -45.40
N TRP E 490 -33.44 3.36 -45.14
CA TRP E 490 -33.67 2.84 -43.79
C TRP E 490 -32.49 1.99 -43.33
N HIS E 491 -32.03 1.10 -44.20
CA HIS E 491 -30.91 0.25 -43.84
C HIS E 491 -29.60 1.03 -43.73
N PHE E 492 -29.44 2.09 -44.54
CA PHE E 492 -28.27 2.95 -44.42
C PHE E 492 -28.24 3.68 -43.09
N CYS E 493 -29.40 4.18 -42.63
CA CYS E 493 -29.44 4.87 -41.35
C CYS E 493 -29.15 3.91 -40.19
N ILE E 494 -29.73 2.70 -40.24
CA ILE E 494 -29.48 1.73 -39.17
C ILE E 494 -28.02 1.28 -39.16
N ALA E 495 -27.43 1.10 -40.35
CA ALA E 495 -26.02 0.78 -40.43
C ALA E 495 -25.15 1.94 -39.96
N LEU E 496 -25.62 3.19 -40.12
CA LEU E 496 -24.90 4.33 -39.57
C LEU E 496 -24.88 4.30 -38.04
N GLY E 497 -26.03 3.97 -37.42
CA GLY E 497 -26.05 3.81 -35.98
C GLY E 497 -25.14 2.69 -35.50
N TYR E 498 -25.11 1.58 -36.23
CA TYR E 498 -24.22 0.49 -35.87
C TYR E 498 -22.76 0.83 -36.11
N THR E 499 -22.47 1.68 -37.10
CA THR E 499 -21.12 2.18 -37.29
C THR E 499 -20.72 3.11 -36.14
N ASN E 500 -21.68 3.84 -35.57
CA ASN E 500 -21.39 4.59 -34.35
C ASN E 500 -21.03 3.67 -33.19
N SER E 501 -21.79 2.59 -33.02
CA SER E 501 -21.45 1.61 -31.99
C SER E 501 -20.11 0.93 -32.28
N CYS E 502 -19.73 0.85 -33.55
CA CYS E 502 -18.43 0.32 -33.92
C CYS E 502 -17.30 1.30 -33.63
N LEU E 503 -17.53 2.59 -33.85
CA LEU E 503 -16.49 3.61 -33.76
C LEU E 503 -16.46 4.34 -32.43
N ASN E 504 -17.34 3.99 -31.49
CA ASN E 504 -17.18 4.49 -30.13
C ASN E 504 -15.86 4.06 -29.46
N PRO E 505 -15.37 2.82 -29.58
CA PRO E 505 -14.04 2.53 -29.01
C PRO E 505 -12.89 3.28 -29.67
N VAL E 506 -12.91 3.43 -31.00
CA VAL E 506 -11.80 4.13 -31.66
C VAL E 506 -11.85 5.63 -31.40
N LEU E 507 -12.98 6.14 -30.93
CA LEU E 507 -13.12 7.55 -30.61
C LEU E 507 -12.89 7.86 -29.13
N TYR E 508 -13.20 6.92 -28.24
CA TYR E 508 -13.09 7.15 -26.81
C TYR E 508 -11.89 6.46 -26.16
N ALA E 509 -11.56 5.23 -26.56
CA ALA E 509 -10.46 4.49 -25.97
C ALA E 509 -9.14 4.74 -26.67
N PHE E 510 -9.10 4.63 -28.00
CA PHE E 510 -7.85 4.75 -28.72
C PHE E 510 -7.32 6.18 -28.80
N LEU E 511 -8.13 7.18 -28.41
CA LEU E 511 -7.66 8.55 -28.27
C LEU E 511 -7.38 8.92 -26.83
N ASP E 512 -7.46 7.97 -25.90
CA ASP E 512 -7.08 8.22 -24.52
C ASP E 512 -5.58 8.09 -24.35
N GLU E 513 -5.00 8.93 -23.50
CA GLU E 513 -3.56 8.89 -23.30
C GLU E 513 -3.13 7.63 -22.54
N ASN E 514 -4.02 7.05 -21.73
CA ASN E 514 -3.69 5.81 -21.04
C ASN E 514 -3.54 4.65 -22.03
N PHE E 515 -4.50 4.50 -22.94
CA PHE E 515 -4.39 3.49 -23.98
C PHE E 515 -3.25 3.81 -24.94
N LYS E 516 -2.99 5.08 -25.18
CA LYS E 516 -1.84 5.46 -26.00
C LYS E 516 -0.52 5.04 -25.35
N ARG E 517 -0.40 5.26 -24.03
CA ARG E 517 0.80 4.85 -23.31
C ARG E 517 0.93 3.32 -23.29
N CYS E 518 -0.19 2.61 -23.14
CA CYS E 518 -0.15 1.16 -23.19
C CYS E 518 0.23 0.64 -24.57
N PHE E 519 -0.14 1.38 -25.63
CA PHE E 519 0.28 0.99 -26.97
C PHE E 519 1.77 1.28 -27.19
N ARG E 520 2.24 2.46 -26.76
CA ARG E 520 3.65 2.79 -26.94
C ARG E 520 4.59 2.01 -26.04
N GLU E 521 4.09 1.46 -24.93
CA GLU E 521 4.93 0.67 -24.04
C GLU E 521 5.18 -0.74 -24.55
N PHE E 522 4.42 -1.19 -25.55
CA PHE E 522 4.61 -2.53 -26.10
C PHE E 522 5.37 -2.46 -27.42
C1 CLR F . -18.28 -4.44 -11.55
C2 CLR F . -16.96 -3.95 -10.98
C3 CLR F . -15.87 -4.07 -12.03
C4 CLR F . -16.25 -3.21 -13.22
C5 CLR F . -17.56 -3.65 -13.81
C6 CLR F . -17.63 -4.02 -15.08
C7 CLR F . -18.85 -4.57 -15.75
C8 CLR F . -20.12 -4.31 -14.95
C9 CLR F . -19.87 -4.60 -13.46
C10 CLR F . -18.74 -3.74 -12.84
C11 CLR F . -21.17 -4.53 -12.67
C12 CLR F . -22.34 -5.32 -13.27
C13 CLR F . -22.60 -4.99 -14.75
C14 CLR F . -21.25 -5.19 -15.46
C15 CLR F . -21.59 -5.14 -16.93
C16 CLR F . -22.91 -5.93 -16.99
C17 CLR F . -23.48 -5.99 -15.55
C18 CLR F . -23.12 -3.56 -14.92
C19 CLR F . -19.21 -2.33 -12.52
C20 CLR F . -25.03 -5.87 -15.59
C21 CLR F . -25.75 -6.08 -14.26
C22 CLR F . -25.57 -6.87 -16.61
C23 CLR F . -27.06 -6.72 -16.94
C24 CLR F . -27.58 -7.89 -17.78
C25 CLR F . -27.52 -7.70 -19.29
C26 CLR F . -26.30 -8.41 -19.89
C27 CLR F . -28.80 -8.20 -19.97
O1 CLR F . -14.64 -3.68 -11.45
C1 CLR G . -38.28 9.64 -48.97
C2 CLR G . -39.21 9.00 -49.98
C3 CLR G . -38.48 8.68 -51.28
C4 CLR G . -37.30 7.77 -50.98
C5 CLR G . -36.38 8.34 -49.94
C6 CLR G . -35.08 8.48 -50.20
C7 CLR G . -34.09 9.02 -49.23
C8 CLR G . -34.62 9.07 -47.81
C9 CLR G . -36.04 9.69 -47.84
C10 CLR G . -37.01 8.80 -48.64
C11 CLR G . -36.53 10.04 -46.43
C12 CLR G . -35.53 10.88 -45.64
C13 CLR G . -34.17 10.18 -45.49
C14 CLR G . -33.69 9.88 -46.92
C15 CLR G . -32.27 9.37 -46.74
C16 CLR G . -31.75 10.20 -45.56
C17 CLR G . -32.95 11.01 -44.98
C18 CLR G . -34.29 8.91 -44.64
C19 CLR G . -37.42 7.57 -47.84
C20 CLR G . -32.75 11.29 -43.47
C21 CLR G . -33.74 12.30 -42.87
C22 CLR G . -31.31 11.73 -43.21
C23 CLR G . -31.00 13.21 -43.32
C24 CLR G . -29.65 13.56 -42.69
C25 CLR G . -29.57 14.91 -41.96
C26 CLR G . -30.80 15.12 -41.08
C27 CLR G . -28.31 15.02 -41.11
O1 CLR G . -39.40 8.11 -52.19
C01 A1APV H . -29.06 0.94 -34.73
C02 A1APV H . -29.92 0.23 -34.00
C03 A1APV H . -30.58 0.89 -32.82
N04 A1APV H . -32.05 0.67 -32.88
C05 A1APV H . -32.66 1.17 -31.64
C06 A1APV H . -34.20 1.10 -31.65
C07 A1APV H . -34.81 1.56 -32.99
C08 A1APV H . -36.33 1.50 -32.91
C09 A1APV H . -36.96 1.43 -34.32
O10 A1APV H . -38.01 1.94 -34.55
C11 A1APV H . -36.23 0.70 -35.40
C12 A1APV H . -34.77 1.18 -35.50
C13 A1APV H . -34.09 0.88 -34.15
C14 A1APV H . -32.61 1.34 -34.07
C15 A1APV H . -32.39 2.88 -34.14
C16 A1APV H . -33.57 3.73 -33.64
C17 A1APV H . -34.65 3.07 -33.15
C18 A1APV H . -35.79 3.67 -32.66
C19 A1APV H . -35.89 5.05 -32.68
C20 A1APV H . -34.83 5.78 -33.18
C21 A1APV H . -33.68 5.14 -33.66
O22 A1APV H . -37.03 5.70 -32.20
O23 A1APV H . -36.71 2.73 -32.23
O24 A1APV H . -34.16 -0.51 -33.96
#